data_8YJW
#
_entry.id   8YJW
#
_cell.length_a   1.00
_cell.length_b   1.00
_cell.length_c   1.00
_cell.angle_alpha   90.00
_cell.angle_beta   90.00
_cell.angle_gamma   90.00
#
_symmetry.space_group_name_H-M   'P 1'
#
loop_
_entity.id
_entity.type
_entity.pdbx_description
1 polymer 'Proliferating cell nuclear antigen'
2 polymer 'Flap endonuclease 1'
3 polymer 'upstream DNA'
4 polymer 'parent strand DNA'
5 polymer '5 prime flap DNA'
6 polymer 'downstream DNA'
#
loop_
_entity_poly.entity_id
_entity_poly.type
_entity_poly.pdbx_seq_one_letter_code
_entity_poly.pdbx_strand_id
1 'polypeptide(L)'
;MFEARLVQGSILKKVLEALKDLINEACWDISSSGVNLQSMDSSHVSLVQLTLRSEGFDTYRCDRNLAMGVNLTSMSKILK
CAGNEDIITLRAEDNADTLALVFEAPNQEKVSDYEMKLMDLDVEQLGIPEQEYSCVVKMPSGEFARICRDLSHIGDAVVI
SCAKDGVKFSASGELGNGNIKLSQTSNVDKEEEAVTIEMNEPVQLTFALRYLNFFTKATPLSSTVTLSMSADVPLVVEYK
IADMGHLKYYLAPKIEDEEGS
;
B,C,A
2 'polypeptide(L)'
;MGIQGLAKLIADVAPSAIRENDIKSYFGRKVAIDASMSIYQFLIAVRQGGDVLQNEEGETTSHLMGMFYRTIRMMENGIK
PVYVFDGKPPQLKSGELAKRSERRAEAEKQLQQAQAAGAEQEVEKFTKRLVKVTKQHNDECKHLLSLMGIPYLDAPSEAE
ASCAALVKAGKVYAAATEDMDCLTFGSPVLMRHLTASEAKKLPIQEFHLSRILQELGLNQEQFVDLCILLGSDYCESIRG
IGPKRAVDLIQKHKSIEEIVRRLDPNKYPVPENWLHKEAHQLFLEPEVLDPESVELKWSEPNEEELIKFMCGEKQFSEER
IRSGVKRLSKSRQGSTQGRLDDFFKVTGSLSSAKRKEPEPKGSTKKKAKTGAAGKFKRGK
;
D
3 'polydeoxyribonucleotide' (DT)(DT)(DT)(DA)(DT)(DT)(DT)(DA)(DT)(DT)(DT)(DT)(DT)(DT)(DA)(DA)(DA)(DA)(DA)(DT) J
4 'polydeoxyribonucleotide'
;(DA)(DA)(DA)(DA)(DA)(DA)(DT)(DT)(DA)(DA)(DA)(DT)(DT)(DT)(DT)(DT)(DA)(DA)(DA)(DA)
(DA)(DA)(DT)(DA)(DA)(DA)(DT)(DA)(DA)(DA)
;
E
5 'polydeoxyribonucleotide' (DT)(DT)(DT) H
6 'polydeoxyribonucleotide' (DT)(DT)(DA)(DA)(DT)(DT)(DT)(DT)(DT)(DT) F
#
loop_
_chem_comp.id
_chem_comp.type
_chem_comp.name
_chem_comp.formula
DA DNA linking 2'-DEOXYADENOSINE-5'-MONOPHOSPHATE 'C10 H14 N5 O6 P'
DT DNA linking THYMIDINE-5'-MONOPHOSPHATE 'C10 H15 N2 O8 P'
#
# COMPACT_ATOMS: atom_id res chain seq x y z
N MET A 1 -31.81 -33.78 25.28
CA MET A 1 -32.54 -33.40 26.48
C MET A 1 -32.34 -31.92 26.78
N PHE A 2 -31.42 -31.29 26.05
CA PHE A 2 -31.05 -29.90 26.27
C PHE A 2 -31.79 -29.03 25.27
N GLU A 3 -32.41 -27.96 25.77
CA GLU A 3 -33.07 -26.96 24.94
C GLU A 3 -32.85 -25.60 25.59
N ALA A 4 -32.52 -24.59 24.78
CA ALA A 4 -32.23 -23.27 25.32
C ALA A 4 -32.71 -22.23 24.31
N ARG A 5 -33.92 -21.73 24.51
CA ARG A 5 -34.49 -20.72 23.63
C ARG A 5 -33.97 -19.34 24.05
N LEU A 6 -33.00 -18.82 23.33
CA LEU A 6 -32.49 -17.48 23.53
C LEU A 6 -33.15 -16.54 22.53
N VAL A 7 -33.88 -15.55 23.02
CA VAL A 7 -34.84 -14.81 22.20
C VAL A 7 -34.18 -13.59 21.57
N GLN A 8 -33.16 -13.02 22.22
CA GLN A 8 -32.47 -11.84 21.70
C GLN A 8 -31.17 -12.36 21.09
N GLY A 9 -31.25 -12.76 19.82
CA GLY A 9 -30.25 -13.59 19.17
C GLY A 9 -28.93 -12.94 18.82
N SER A 10 -28.76 -11.64 19.11
CA SER A 10 -27.47 -11.02 18.92
C SER A 10 -26.48 -11.41 20.02
N ILE A 11 -26.97 -11.95 21.14
CA ILE A 11 -26.15 -12.24 22.32
C ILE A 11 -25.14 -13.35 22.02
N LEU A 12 -25.61 -14.46 21.45
CA LEU A 12 -24.71 -15.57 21.16
C LEU A 12 -23.80 -15.27 19.98
N LYS A 13 -24.27 -14.44 19.04
CA LYS A 13 -23.41 -13.96 17.96
C LYS A 13 -22.28 -13.11 18.48
N LYS A 14 -22.56 -12.26 19.47
CA LYS A 14 -21.53 -11.41 20.06
C LYS A 14 -20.57 -12.23 20.93
N VAL A 15 -21.07 -13.26 21.60
CA VAL A 15 -20.22 -14.17 22.38
C VAL A 15 -19.27 -14.96 21.47
N LEU A 16 -19.78 -15.48 20.35
CA LEU A 16 -18.91 -16.24 19.44
C LEU A 16 -17.96 -15.34 18.65
N GLU A 17 -18.34 -14.10 18.33
CA GLU A 17 -17.35 -13.19 17.75
C GLU A 17 -16.37 -12.67 18.80
N ALA A 18 -16.72 -12.73 20.09
CA ALA A 18 -15.76 -12.41 21.13
C ALA A 18 -14.74 -13.53 21.31
N LEU A 19 -15.21 -14.78 21.30
CA LEU A 19 -14.38 -15.92 21.65
C LEU A 19 -13.94 -16.73 20.44
N LYS A 20 -14.10 -16.20 19.23
CA LYS A 20 -13.68 -16.92 18.02
C LYS A 20 -12.16 -16.90 17.87
N ASP A 21 -11.57 -15.70 17.86
CA ASP A 21 -10.14 -15.56 17.65
C ASP A 21 -9.32 -15.96 18.87
N LEU A 22 -9.90 -15.89 20.07
CA LEU A 22 -9.14 -16.19 21.27
C LEU A 22 -9.06 -17.69 21.53
N ILE A 23 -10.20 -18.34 21.72
CA ILE A 23 -10.26 -19.78 21.95
C ILE A 23 -10.62 -20.47 20.64
N ASN A 24 -9.89 -21.52 20.30
CA ASN A 24 -10.23 -22.33 19.14
C ASN A 24 -11.13 -23.50 19.50
N GLU A 25 -10.80 -24.21 20.58
CA GLU A 25 -11.61 -25.33 21.06
C GLU A 25 -11.76 -25.23 22.56
N ALA A 26 -12.96 -25.49 23.06
CA ALA A 26 -13.21 -25.50 24.50
C ALA A 26 -14.31 -26.50 24.80
N CYS A 27 -14.87 -26.41 26.01
CA CYS A 27 -15.93 -27.30 26.46
C CYS A 27 -17.03 -26.45 27.09
N TRP A 28 -18.18 -26.40 26.44
CA TRP A 28 -19.33 -25.68 26.95
C TRP A 28 -19.96 -26.52 28.05
N ASP A 29 -19.56 -26.26 29.30
CA ASP A 29 -20.05 -27.02 30.45
C ASP A 29 -21.45 -26.55 30.78
N ILE A 30 -22.45 -27.32 30.36
CA ILE A 30 -23.84 -26.91 30.48
C ILE A 30 -24.47 -27.67 31.63
N SER A 31 -24.99 -26.93 32.61
CA SER A 31 -25.65 -27.51 33.77
C SER A 31 -27.10 -27.04 33.82
N SER A 32 -27.82 -27.52 34.83
CA SER A 32 -29.23 -27.15 34.99
C SER A 32 -29.39 -25.73 35.54
N SER A 33 -28.35 -25.18 36.16
CA SER A 33 -28.40 -23.83 36.71
C SER A 33 -28.01 -22.76 35.70
N GLY A 34 -27.72 -23.15 34.46
CA GLY A 34 -27.34 -22.20 33.43
C GLY A 34 -26.16 -22.68 32.62
N VAL A 35 -25.98 -22.15 31.41
CA VAL A 35 -24.85 -22.53 30.58
C VAL A 35 -23.59 -21.84 31.10
N ASN A 36 -22.53 -22.62 31.27
CA ASN A 36 -21.23 -22.14 31.70
C ASN A 36 -20.18 -22.45 30.65
N LEU A 37 -19.12 -21.66 30.64
CA LEU A 37 -17.98 -21.92 29.76
C LEU A 37 -16.74 -21.37 30.48
N GLN A 38 -15.94 -22.28 31.01
CA GLN A 38 -14.71 -21.95 31.72
C GLN A 38 -13.57 -22.57 30.94
N SER A 39 -12.74 -21.73 30.31
CA SER A 39 -11.74 -22.24 29.39
C SER A 39 -10.49 -21.38 29.44
N MET A 40 -9.37 -22.01 29.14
CA MET A 40 -8.09 -21.32 29.11
C MET A 40 -7.84 -20.92 27.66
N ASP A 41 -6.75 -20.18 27.40
CA ASP A 41 -6.42 -19.77 26.05
C ASP A 41 -5.84 -20.93 25.25
N SER A 42 -5.93 -20.81 23.93
CA SER A 42 -5.21 -21.74 23.04
C SER A 42 -3.71 -21.54 23.13
N SER A 43 -3.26 -20.31 23.35
CA SER A 43 -1.86 -20.01 23.64
C SER A 43 -1.55 -20.12 25.13
N HIS A 44 -2.56 -20.46 25.94
CA HIS A 44 -2.45 -20.82 27.36
C HIS A 44 -1.91 -19.69 28.23
N VAL A 45 -2.36 -18.47 27.97
CA VAL A 45 -2.07 -17.33 28.84
C VAL A 45 -3.31 -16.82 29.55
N SER A 46 -4.43 -16.71 28.84
CA SER A 46 -5.62 -16.03 29.34
C SER A 46 -6.72 -17.01 29.69
N LEU A 47 -7.33 -16.82 30.85
CA LEU A 47 -8.49 -17.60 31.27
C LEU A 47 -9.78 -16.87 30.91
N VAL A 48 -10.71 -17.61 30.31
CA VAL A 48 -12.02 -17.07 29.94
C VAL A 48 -13.07 -17.82 30.73
N GLN A 49 -13.89 -17.08 31.47
CA GLN A 49 -14.97 -17.66 32.25
C GLN A 49 -16.26 -17.02 31.77
N LEU A 50 -17.12 -17.81 31.14
CA LEU A 50 -18.40 -17.37 30.64
C LEU A 50 -19.51 -18.09 31.40
N THR A 51 -20.49 -17.34 31.90
CA THR A 51 -21.59 -17.91 32.65
C THR A 51 -22.86 -17.13 32.34
N LEU A 52 -23.88 -17.82 31.82
CA LEU A 52 -25.18 -17.23 31.56
C LEU A 52 -26.22 -17.99 32.38
N ARG A 53 -26.96 -17.27 33.20
CA ARG A 53 -27.97 -17.91 34.03
C ARG A 53 -29.22 -18.25 33.23
N SER A 54 -30.09 -19.06 33.84
CA SER A 54 -31.23 -19.62 33.15
C SER A 54 -32.39 -18.65 32.99
N GLU A 55 -32.38 -17.53 33.72
CA GLU A 55 -33.50 -16.60 33.66
C GLU A 55 -33.50 -15.76 32.38
N GLY A 56 -32.35 -15.63 31.70
CA GLY A 56 -32.33 -14.90 30.46
C GLY A 56 -32.81 -15.69 29.26
N PHE A 57 -32.66 -17.00 29.30
CA PHE A 57 -33.22 -17.86 28.26
C PHE A 57 -34.73 -17.95 28.41
N ASP A 58 -35.43 -17.96 27.27
CA ASP A 58 -36.89 -17.99 27.32
C ASP A 58 -37.41 -19.38 27.70
N THR A 59 -36.81 -20.43 27.15
CA THR A 59 -37.17 -21.80 27.48
C THR A 59 -35.88 -22.59 27.65
N TYR A 60 -35.39 -22.66 28.88
CA TYR A 60 -34.14 -23.35 29.18
C TYR A 60 -34.51 -24.68 29.84
N ARG A 61 -34.47 -25.75 29.06
CA ARG A 61 -34.81 -27.09 29.54
C ARG A 61 -33.54 -27.93 29.53
N CYS A 62 -32.92 -28.06 30.70
CA CYS A 62 -31.69 -28.83 30.86
C CYS A 62 -31.94 -29.93 31.88
N ASP A 63 -31.90 -31.19 31.42
CA ASP A 63 -32.20 -32.31 32.30
C ASP A 63 -31.05 -32.62 33.25
N ARG A 64 -29.81 -32.58 32.77
CA ARG A 64 -28.67 -32.96 33.57
C ARG A 64 -27.46 -32.14 33.12
N ASN A 65 -26.29 -32.48 33.66
CA ASN A 65 -25.08 -31.73 33.37
C ASN A 65 -24.46 -32.24 32.07
N LEU A 66 -24.38 -31.37 31.07
CA LEU A 66 -23.75 -31.70 29.80
C LEU A 66 -22.37 -31.05 29.74
N ALA A 67 -21.34 -31.84 29.49
CA ALA A 67 -19.98 -31.36 29.35
C ALA A 67 -19.45 -31.90 28.03
N MET A 68 -19.65 -31.13 26.96
CA MET A 68 -19.26 -31.55 25.62
C MET A 68 -18.36 -30.50 24.98
N GLY A 69 -17.49 -30.96 24.09
CA GLY A 69 -16.51 -30.08 23.48
C GLY A 69 -17.02 -29.48 22.19
N VAL A 70 -17.02 -28.15 22.12
CA VAL A 70 -17.53 -27.41 20.97
C VAL A 70 -16.35 -26.66 20.34
N ASN A 71 -16.19 -26.82 19.04
CA ASN A 71 -15.19 -26.04 18.30
C ASN A 71 -15.70 -24.61 18.11
N LEU A 72 -14.93 -23.64 18.59
CA LEU A 72 -15.39 -22.26 18.63
C LEU A 72 -15.33 -21.58 17.27
N THR A 73 -14.41 -21.99 16.39
CA THR A 73 -14.42 -21.49 15.02
C THR A 73 -15.62 -22.02 14.26
N SER A 74 -15.96 -23.29 14.50
CA SER A 74 -17.15 -23.92 13.91
C SER A 74 -18.42 -23.27 14.41
N MET A 75 -18.51 -23.04 15.73
CA MET A 75 -19.73 -22.47 16.29
C MET A 75 -19.81 -20.98 15.98
N SER A 76 -18.67 -20.31 15.78
CA SER A 76 -18.68 -18.91 15.38
C SER A 76 -19.12 -18.74 13.93
N LYS A 77 -18.69 -19.64 13.05
CA LYS A 77 -19.20 -19.59 11.68
C LYS A 77 -20.62 -20.12 11.57
N ILE A 78 -21.11 -20.87 12.56
CA ILE A 78 -22.52 -21.24 12.61
C ILE A 78 -23.36 -20.07 13.11
N LEU A 79 -22.89 -19.33 14.13
CA LEU A 79 -23.58 -18.13 14.58
C LEU A 79 -23.45 -16.96 13.60
N LYS A 80 -22.50 -17.01 12.67
CA LYS A 80 -22.50 -16.03 11.58
C LYS A 80 -23.63 -16.27 10.58
N CYS A 81 -24.21 -17.48 10.56
CA CYS A 81 -25.40 -17.71 9.76
C CYS A 81 -26.64 -17.06 10.36
N ALA A 82 -26.65 -16.83 11.67
CA ALA A 82 -27.80 -16.28 12.34
C ALA A 82 -27.93 -14.77 12.09
N GLY A 83 -29.16 -14.29 12.10
CA GLY A 83 -29.44 -12.87 12.02
C GLY A 83 -29.27 -12.20 13.37
N ASN A 84 -29.36 -10.87 13.37
CA ASN A 84 -29.16 -10.10 14.59
C ASN A 84 -30.43 -9.95 15.41
N GLU A 85 -31.56 -10.51 14.97
CA GLU A 85 -32.81 -10.39 15.70
C GLU A 85 -33.52 -11.71 15.94
N ASP A 86 -32.94 -12.85 15.57
CA ASP A 86 -33.69 -14.09 15.56
C ASP A 86 -33.76 -14.72 16.96
N ILE A 87 -34.30 -15.93 17.01
CA ILE A 87 -34.39 -16.71 18.23
C ILE A 87 -33.55 -17.97 18.04
N ILE A 88 -32.54 -18.15 18.89
CA ILE A 88 -31.61 -19.26 18.80
C ILE A 88 -32.02 -20.33 19.81
N THR A 89 -32.31 -21.53 19.32
CA THR A 89 -32.65 -22.67 20.17
C THR A 89 -31.56 -23.72 20.05
N LEU A 90 -30.99 -24.11 21.19
CA LEU A 90 -29.91 -25.09 21.22
C LEU A 90 -30.49 -26.45 21.60
N ARG A 91 -31.08 -27.14 20.64
CA ARG A 91 -31.52 -28.51 20.83
C ARG A 91 -30.30 -29.43 20.84
N ALA A 92 -30.25 -30.34 21.81
CA ALA A 92 -29.10 -31.23 21.93
C ALA A 92 -29.52 -32.58 22.46
N GLU A 93 -28.66 -33.57 22.26
CA GLU A 93 -28.84 -34.93 22.73
C GLU A 93 -27.47 -35.50 23.07
N ASP A 94 -27.40 -36.33 24.11
CA ASP A 94 -26.14 -36.94 24.49
C ASP A 94 -25.92 -38.31 23.84
N ASN A 95 -26.88 -38.80 23.07
CA ASN A 95 -26.68 -40.05 22.35
C ASN A 95 -25.76 -39.86 21.16
N ALA A 96 -26.16 -38.98 20.23
CA ALA A 96 -25.31 -38.57 19.13
C ALA A 96 -24.54 -37.31 19.53
N ASP A 97 -23.51 -36.98 18.76
CA ASP A 97 -22.69 -35.79 19.04
C ASP A 97 -23.17 -34.56 18.26
N THR A 98 -24.47 -34.30 18.38
CA THR A 98 -25.12 -33.25 17.61
C THR A 98 -25.50 -32.10 18.52
N LEU A 99 -25.01 -30.91 18.20
CA LEU A 99 -25.46 -29.66 18.83
C LEU A 99 -26.29 -28.92 17.80
N ALA A 100 -27.60 -29.16 17.83
CA ALA A 100 -28.49 -28.59 16.82
C ALA A 100 -28.86 -27.17 17.20
N LEU A 101 -28.70 -26.24 16.26
CA LEU A 101 -29.09 -24.85 16.45
C LEU A 101 -30.20 -24.52 15.45
N VAL A 102 -31.33 -24.03 15.95
CA VAL A 102 -32.48 -23.69 15.13
C VAL A 102 -32.72 -22.20 15.28
N PHE A 103 -32.81 -21.49 14.16
CA PHE A 103 -32.89 -20.02 14.16
C PHE A 103 -34.28 -19.59 13.68
N GLU A 104 -35.24 -19.48 14.59
CA GLU A 104 -36.55 -18.93 14.28
C GLU A 104 -36.41 -17.42 14.19
N ALA A 105 -36.91 -16.83 13.11
CA ALA A 105 -36.85 -15.38 12.97
C ALA A 105 -38.20 -14.75 13.28
N PRO A 106 -38.22 -13.54 13.88
CA PRO A 106 -39.50 -12.84 14.07
C PRO A 106 -39.97 -12.12 12.81
N ASN A 107 -39.02 -11.55 12.07
CA ASN A 107 -39.31 -10.79 10.85
C ASN A 107 -39.77 -11.72 9.73
N GLN A 108 -39.21 -12.92 9.68
CA GLN A 108 -39.53 -13.83 8.59
C GLN A 108 -40.04 -15.17 9.12
N GLU A 109 -40.20 -16.09 8.18
CA GLU A 109 -40.60 -17.47 8.42
C GLU A 109 -39.43 -18.48 8.33
N LYS A 110 -38.21 -17.96 8.49
CA LYS A 110 -36.98 -18.74 8.40
C LYS A 110 -36.82 -19.72 9.55
N VAL A 111 -36.58 -20.98 9.22
CA VAL A 111 -36.19 -22.01 10.17
C VAL A 111 -34.84 -22.54 9.70
N SER A 112 -33.78 -22.24 10.44
CA SER A 112 -32.41 -22.56 10.04
C SER A 112 -31.86 -23.59 11.01
N ASP A 113 -32.11 -24.87 10.72
CA ASP A 113 -31.58 -25.96 11.55
C ASP A 113 -30.10 -26.15 11.26
N TYR A 114 -29.29 -26.22 12.32
CA TYR A 114 -27.84 -26.30 12.19
C TYR A 114 -27.29 -27.29 13.20
N GLU A 115 -27.17 -28.55 12.81
CA GLU A 115 -26.58 -29.56 13.68
C GLU A 115 -25.07 -29.57 13.49
N MET A 116 -24.34 -29.61 14.59
CA MET A 116 -22.88 -29.50 14.59
C MET A 116 -22.28 -30.75 15.23
N LYS A 117 -21.26 -31.32 14.59
CA LYS A 117 -20.53 -32.40 15.23
C LYS A 117 -19.64 -31.86 16.34
N LEU A 118 -19.47 -32.66 17.39
CA LEU A 118 -18.75 -32.26 18.59
C LEU A 118 -17.61 -33.22 18.85
N MET A 119 -16.46 -32.67 19.24
CA MET A 119 -15.29 -33.48 19.53
C MET A 119 -15.17 -33.73 21.02
N ASP A 120 -14.56 -34.87 21.36
CA ASP A 120 -14.32 -35.22 22.76
C ASP A 120 -13.07 -34.51 23.24
N LEU A 121 -13.20 -33.73 24.32
CA LEU A 121 -12.09 -32.97 24.86
C LEU A 121 -12.09 -33.09 26.37
N ASP A 122 -10.90 -32.92 26.95
CA ASP A 122 -10.76 -32.94 28.41
C ASP A 122 -11.27 -31.63 28.99
N VAL A 123 -12.24 -31.70 29.90
CA VAL A 123 -12.90 -30.52 30.43
C VAL A 123 -12.00 -29.90 31.49
N GLU A 124 -11.46 -28.73 31.19
CA GLU A 124 -10.67 -27.98 32.16
C GLU A 124 -11.59 -27.23 33.12
N GLN A 125 -11.20 -27.18 34.39
CA GLN A 125 -11.99 -26.50 35.41
C GLN A 125 -11.02 -25.94 36.44
N LEU A 126 -10.74 -24.64 36.35
CA LEU A 126 -9.84 -23.96 37.27
C LEU A 126 -10.62 -22.90 38.02
N GLY A 127 -10.61 -22.98 39.35
CA GLY A 127 -11.38 -22.06 40.14
C GLY A 127 -10.74 -20.70 40.30
N ILE A 128 -11.55 -19.74 40.73
CA ILE A 128 -11.09 -18.39 41.04
C ILE A 128 -11.62 -18.06 42.43
N PRO A 129 -10.78 -17.64 43.38
CA PRO A 129 -11.28 -17.14 44.66
C PRO A 129 -11.97 -15.80 44.46
N GLU A 130 -13.27 -15.75 44.74
CA GLU A 130 -14.08 -14.55 44.53
C GLU A 130 -13.76 -13.49 45.58
N GLN A 131 -12.67 -12.77 45.38
CA GLN A 131 -12.15 -11.82 46.33
C GLN A 131 -12.59 -10.40 45.97
N GLU A 132 -12.51 -9.52 46.95
CA GLU A 132 -12.70 -8.09 46.70
C GLU A 132 -11.42 -7.54 46.11
N TYR A 133 -11.47 -7.16 44.84
CA TYR A 133 -10.29 -6.70 44.13
C TYR A 133 -9.93 -5.28 44.56
N SER A 134 -8.71 -4.87 44.22
CA SER A 134 -8.21 -3.58 44.69
C SER A 134 -8.83 -2.43 43.91
N CYS A 135 -8.59 -2.37 42.60
CA CYS A 135 -9.13 -1.31 41.75
C CYS A 135 -10.19 -1.91 40.85
N VAL A 136 -11.46 -1.65 41.17
CA VAL A 136 -12.59 -2.13 40.41
C VAL A 136 -13.22 -0.92 39.74
N VAL A 137 -13.14 -0.84 38.42
CA VAL A 137 -13.65 0.30 37.70
C VAL A 137 -14.95 -0.11 37.03
N LYS A 138 -15.70 0.87 36.52
CA LYS A 138 -16.88 0.60 35.69
C LYS A 138 -16.88 1.67 34.60
N MET A 139 -16.26 1.33 33.48
CA MET A 139 -15.92 2.30 32.44
C MET A 139 -16.48 1.80 31.11
N PRO A 140 -16.74 2.69 30.13
CA PRO A 140 -17.41 2.26 28.89
C PRO A 140 -16.61 1.31 28.03
N SER A 141 -17.35 0.42 27.36
CA SER A 141 -16.73 -0.66 26.62
C SER A 141 -16.14 -0.19 25.30
N GLY A 142 -16.80 0.80 24.67
CA GLY A 142 -16.23 1.42 23.49
C GLY A 142 -14.98 2.21 23.79
N GLU A 143 -14.91 2.78 25.00
CA GLU A 143 -13.69 3.45 25.45
C GLU A 143 -12.55 2.47 25.66
N PHE A 144 -12.84 1.27 26.16
CA PHE A 144 -11.79 0.26 26.32
C PHE A 144 -11.34 -0.31 24.99
N ALA A 145 -12.28 -0.45 24.05
CA ALA A 145 -11.96 -0.86 22.68
C ALA A 145 -11.08 0.17 22.00
N ARG A 146 -11.40 1.45 22.18
CA ARG A 146 -10.62 2.55 21.64
C ARG A 146 -9.23 2.61 22.26
N ILE A 147 -9.15 2.44 23.58
CA ILE A 147 -7.88 2.58 24.31
C ILE A 147 -6.92 1.44 23.98
N CYS A 148 -7.43 0.19 23.96
CA CYS A 148 -6.58 -0.94 23.61
C CYS A 148 -6.21 -0.94 22.13
N ARG A 149 -7.16 -0.53 21.26
CA ARG A 149 -6.91 -0.46 19.83
C ARG A 149 -5.93 0.63 19.46
N ASP A 150 -5.86 1.72 20.23
CA ASP A 150 -4.88 2.73 19.89
C ASP A 150 -3.54 2.52 20.58
N LEU A 151 -3.54 1.98 21.79
CA LEU A 151 -2.28 1.73 22.47
C LEU A 151 -1.56 0.49 21.95
N SER A 152 -2.25 -0.38 21.21
CA SER A 152 -1.57 -1.51 20.59
C SER A 152 -0.70 -1.10 19.41
N HIS A 153 -0.93 0.08 18.84
CA HIS A 153 -0.09 0.58 17.75
C HIS A 153 1.27 1.07 18.25
N ILE A 154 1.40 1.31 19.56
CA ILE A 154 2.66 1.74 20.15
C ILE A 154 3.49 0.51 20.52
N GLY A 155 2.93 -0.37 21.34
CA GLY A 155 3.63 -1.55 21.77
C GLY A 155 2.67 -2.59 22.30
N ASP A 156 3.25 -3.72 22.73
CA ASP A 156 2.49 -4.85 23.23
C ASP A 156 2.42 -4.89 24.76
N ALA A 157 2.46 -3.72 25.40
CA ALA A 157 2.45 -3.67 26.86
C ALA A 157 1.76 -2.39 27.28
N VAL A 158 0.79 -2.50 28.19
CA VAL A 158 0.09 -1.36 28.76
C VAL A 158 0.29 -1.37 30.27
N VAL A 159 0.57 -0.19 30.84
CA VAL A 159 0.71 -0.05 32.27
C VAL A 159 -0.56 0.57 32.83
N ILE A 160 -1.49 -0.27 33.25
CA ILE A 160 -2.77 0.21 33.77
C ILE A 160 -2.59 0.59 35.23
N SER A 161 -2.76 1.88 35.53
CA SER A 161 -2.54 2.41 36.87
C SER A 161 -3.80 3.11 37.35
N CYS A 162 -4.17 2.87 38.60
CA CYS A 162 -5.32 3.50 39.20
C CYS A 162 -4.88 4.59 40.17
N ALA A 163 -5.66 5.67 40.24
CA ALA A 163 -5.38 6.77 41.13
C ALA A 163 -6.70 7.39 41.55
N LYS A 164 -6.60 8.42 42.40
CA LYS A 164 -7.79 9.11 42.92
C LYS A 164 -8.51 9.89 41.84
N ASP A 165 -7.77 10.41 40.86
CA ASP A 165 -8.41 11.07 39.72
C ASP A 165 -9.05 10.05 38.79
N GLY A 166 -8.43 8.89 38.63
CA GLY A 166 -9.01 7.83 37.84
C GLY A 166 -7.93 6.92 37.28
N VAL A 167 -8.36 6.07 36.35
CA VAL A 167 -7.49 5.04 35.78
C VAL A 167 -6.56 5.69 34.75
N LYS A 168 -5.32 5.20 34.69
CA LYS A 168 -4.33 5.68 33.74
C LYS A 168 -3.78 4.50 32.95
N PHE A 169 -3.88 4.58 31.63
CA PHE A 169 -3.32 3.58 30.74
C PHE A 169 -2.07 4.15 30.10
N SER A 170 -0.98 3.40 30.17
CA SER A 170 0.31 3.88 29.67
C SER A 170 0.98 2.77 28.86
N ALA A 171 1.22 3.02 27.58
CA ALA A 171 1.88 2.06 26.71
C ALA A 171 3.15 2.68 26.16
N SER A 172 4.24 1.89 26.18
CA SER A 172 5.53 2.34 25.69
C SER A 172 6.01 1.41 24.60
N GLY A 173 6.65 1.99 23.59
CA GLY A 173 7.09 1.21 22.46
C GLY A 173 8.06 1.96 21.59
N GLU A 174 8.12 1.55 20.31
CA GLU A 174 9.07 2.14 19.38
C GLU A 174 8.62 3.51 18.89
N LEU A 175 7.31 3.75 18.77
CA LEU A 175 6.82 5.04 18.32
C LEU A 175 6.89 6.10 19.41
N GLY A 176 6.94 5.70 20.67
CA GLY A 176 6.99 6.65 21.75
C GLY A 176 6.23 6.20 22.98
N ASN A 177 5.73 7.17 23.75
CA ASN A 177 5.02 6.91 24.98
C ASN A 177 3.60 7.42 24.85
N GLY A 178 2.62 6.62 25.25
CA GLY A 178 1.24 7.07 25.20
C GLY A 178 0.50 6.92 26.51
N ASN A 179 0.14 8.04 27.14
CA ASN A 179 -0.53 8.03 28.43
C ASN A 179 -1.98 8.47 28.26
N ILE A 180 -2.91 7.62 28.69
CA ILE A 180 -4.34 7.91 28.59
C ILE A 180 -4.90 7.98 30.00
N LYS A 181 -5.45 9.13 30.38
CA LYS A 181 -6.02 9.34 31.70
C LYS A 181 -7.52 9.52 31.59
N LEU A 182 -8.27 8.71 32.33
CA LEU A 182 -9.72 8.78 32.37
C LEU A 182 -10.15 9.29 33.73
N SER A 183 -10.84 10.43 33.76
CA SER A 183 -11.24 11.05 35.01
C SER A 183 -12.62 10.56 35.42
N GLN A 184 -13.21 11.22 36.42
CA GLN A 184 -14.54 10.87 36.91
C GLN A 184 -15.61 11.57 36.08
N THR A 185 -16.86 11.46 36.52
CA THR A 185 -17.96 12.28 36.02
C THR A 185 -18.62 12.95 37.21
N SER A 186 -18.79 14.27 37.13
CA SER A 186 -19.23 15.02 38.30
C SER A 186 -20.74 14.97 38.48
N ASN A 187 -21.48 15.54 37.54
CA ASN A 187 -22.92 15.75 37.72
C ASN A 187 -23.69 15.47 36.44
N VAL A 188 -23.39 14.35 35.78
CA VAL A 188 -24.15 14.00 34.58
C VAL A 188 -25.26 13.01 34.91
N ASP A 189 -25.06 12.21 35.97
CA ASP A 189 -25.98 11.17 36.47
C ASP A 189 -26.40 10.17 35.39
N LYS A 190 -25.45 9.80 34.52
CA LYS A 190 -25.76 8.94 33.38
C LYS A 190 -25.67 7.46 33.75
N GLU A 191 -24.51 7.04 34.27
CA GLU A 191 -24.18 5.70 34.75
C GLU A 191 -24.21 4.62 33.66
N GLU A 192 -24.07 5.00 32.38
CA GLU A 192 -23.54 4.10 31.36
C GLU A 192 -22.35 4.68 30.63
N GLU A 193 -22.38 5.96 30.27
CA GLU A 193 -21.22 6.68 29.78
C GLU A 193 -20.28 7.07 30.93
N ALA A 194 -20.80 7.14 32.14
CA ALA A 194 -20.04 7.55 33.32
C ALA A 194 -19.01 6.50 33.73
N VAL A 195 -17.90 6.98 34.28
CA VAL A 195 -16.82 6.15 34.79
C VAL A 195 -16.83 6.26 36.32
N THR A 196 -16.98 5.13 37.00
CA THR A 196 -16.93 5.07 38.46
C THR A 196 -15.79 4.19 38.89
N ILE A 197 -15.04 4.62 39.90
CA ILE A 197 -13.86 3.92 40.36
C ILE A 197 -14.12 3.46 41.79
N GLU A 198 -13.91 2.16 42.05
CA GLU A 198 -14.02 1.60 43.39
C GLU A 198 -12.65 1.07 43.78
N MET A 199 -11.97 1.80 44.66
CA MET A 199 -10.56 1.57 44.94
C MET A 199 -10.33 1.64 46.45
N ASN A 200 -9.47 0.76 46.97
CA ASN A 200 -8.93 0.93 48.31
C ASN A 200 -7.46 1.33 48.31
N GLU A 201 -6.67 0.81 47.37
CA GLU A 201 -5.27 1.18 47.23
C GLU A 201 -4.91 1.35 45.76
N PRO A 202 -4.00 2.28 45.43
CA PRO A 202 -3.57 2.43 44.03
C PRO A 202 -2.60 1.32 43.63
N VAL A 203 -2.77 0.79 42.43
CA VAL A 203 -1.94 -0.27 41.90
C VAL A 203 -1.32 0.15 40.58
N GLN A 204 -0.37 -0.67 40.12
CA GLN A 204 0.41 -0.38 38.92
C GLN A 204 0.93 -1.71 38.38
N LEU A 205 0.29 -2.22 37.33
CA LEU A 205 0.67 -3.50 36.73
C LEU A 205 0.83 -3.35 35.23
N THR A 206 1.61 -4.24 34.64
CA THR A 206 1.88 -4.24 33.20
C THR A 206 1.16 -5.43 32.56
N PHE A 207 0.31 -5.13 31.57
CA PHE A 207 -0.51 -6.14 30.91
C PHE A 207 -0.21 -6.16 29.42
N ALA A 208 -0.30 -7.36 28.83
CA ALA A 208 -0.09 -7.49 27.40
C ALA A 208 -1.29 -6.94 26.64
N LEU A 209 -1.02 -6.37 25.46
CA LEU A 209 -2.05 -5.67 24.71
C LEU A 209 -2.66 -6.49 23.57
N ARG A 210 -1.98 -7.57 23.14
CA ARG A 210 -2.58 -8.47 22.16
C ARG A 210 -3.76 -9.22 22.77
N TYR A 211 -3.62 -9.65 24.02
CA TYR A 211 -4.72 -10.31 24.71
C TYR A 211 -5.82 -9.33 25.08
N LEU A 212 -5.47 -8.05 25.29
CA LEU A 212 -6.53 -7.05 25.49
C LEU A 212 -7.25 -6.72 24.18
N ASN A 213 -6.55 -6.80 23.04
CA ASN A 213 -7.22 -6.70 21.74
C ASN A 213 -8.17 -7.87 21.51
N PHE A 214 -7.78 -9.06 21.97
CA PHE A 214 -8.72 -10.18 21.94
C PHE A 214 -9.87 -10.01 22.93
N PHE A 215 -9.61 -9.33 24.06
CA PHE A 215 -10.64 -9.14 25.07
C PHE A 215 -11.66 -8.08 24.65
N THR A 216 -11.23 -7.12 23.84
CA THR A 216 -12.13 -6.07 23.34
C THR A 216 -12.90 -6.48 22.08
N LYS A 217 -13.04 -7.78 21.81
CA LYS A 217 -13.99 -8.23 20.81
C LYS A 217 -15.37 -8.48 21.41
N ALA A 218 -15.50 -8.34 22.72
CA ALA A 218 -16.76 -8.48 23.42
C ALA A 218 -17.45 -7.15 23.68
N THR A 219 -16.99 -6.09 23.02
CA THR A 219 -17.58 -4.77 23.26
C THR A 219 -19.03 -4.53 22.78
N PRO A 220 -19.61 -5.23 21.79
CA PRO A 220 -21.07 -5.10 21.62
C PRO A 220 -21.91 -5.86 22.63
N LEU A 221 -21.33 -6.66 23.53
CA LEU A 221 -22.12 -7.37 24.52
C LEU A 221 -22.66 -6.42 25.59
N SER A 222 -21.85 -5.47 26.03
CA SER A 222 -22.24 -4.56 27.10
C SER A 222 -21.73 -3.17 26.79
N SER A 223 -22.34 -2.18 27.44
CA SER A 223 -21.83 -0.82 27.38
C SER A 223 -20.88 -0.49 28.52
N THR A 224 -20.65 -1.43 29.44
CA THR A 224 -19.76 -1.23 30.57
C THR A 224 -18.72 -2.34 30.63
N VAL A 225 -17.55 -2.00 31.13
CA VAL A 225 -16.47 -2.95 31.39
C VAL A 225 -16.05 -2.81 32.84
N THR A 226 -16.04 -3.93 33.56
CA THR A 226 -15.64 -3.95 34.96
C THR A 226 -14.24 -4.55 35.06
N LEU A 227 -13.21 -3.71 34.94
CA LEU A 227 -11.84 -4.15 35.17
C LEU A 227 -11.59 -4.17 36.67
N SER A 228 -11.34 -5.36 37.21
CA SER A 228 -11.05 -5.51 38.63
C SER A 228 -9.75 -6.28 38.78
N MET A 229 -8.80 -5.70 39.50
CA MET A 229 -7.47 -6.27 39.62
C MET A 229 -6.87 -5.88 40.97
N SER A 230 -5.81 -6.59 41.34
CA SER A 230 -5.00 -6.26 42.50
C SER A 230 -3.54 -6.44 42.10
N ALA A 231 -2.65 -6.39 43.09
CA ALA A 231 -1.22 -6.34 42.83
C ALA A 231 -0.63 -7.69 42.40
N ASP A 232 -1.33 -8.80 42.63
CA ASP A 232 -0.77 -10.11 42.31
C ASP A 232 -1.73 -10.96 41.49
N VAL A 233 -3.03 -10.71 41.60
CA VAL A 233 -4.04 -11.51 40.92
C VAL A 233 -4.11 -11.07 39.46
N PRO A 234 -4.60 -11.91 38.55
CA PRO A 234 -4.82 -11.46 37.17
C PRO A 234 -5.93 -10.42 37.05
N LEU A 235 -5.83 -9.63 35.98
CA LEU A 235 -6.85 -8.64 35.66
C LEU A 235 -8.12 -9.32 35.19
N VAL A 236 -9.25 -8.93 35.78
CA VAL A 236 -10.54 -9.53 35.44
C VAL A 236 -11.32 -8.52 34.60
N VAL A 237 -11.55 -8.86 33.34
CA VAL A 237 -12.32 -8.01 32.42
C VAL A 237 -13.71 -8.65 32.31
N GLU A 238 -14.70 -8.01 32.92
CA GLU A 238 -16.04 -8.57 33.00
C GLU A 238 -17.02 -7.77 32.15
N TYR A 239 -17.73 -8.47 31.27
CA TYR A 239 -18.74 -7.88 30.41
C TYR A 239 -20.11 -8.36 30.89
N LYS A 240 -20.97 -7.45 31.30
CA LYS A 240 -22.28 -7.81 31.82
C LYS A 240 -23.23 -8.05 30.66
N ILE A 241 -23.51 -9.32 30.37
CA ILE A 241 -24.30 -9.68 29.21
C ILE A 241 -25.78 -9.52 29.51
N ALA A 242 -26.31 -8.32 29.18
CA ALA A 242 -27.74 -7.98 29.14
C ALA A 242 -28.47 -8.16 30.46
N ASP A 243 -27.73 -8.07 31.58
CA ASP A 243 -28.18 -8.38 32.95
C ASP A 243 -28.75 -9.80 33.07
N MET A 244 -28.19 -10.74 32.29
CA MET A 244 -28.64 -12.13 32.29
C MET A 244 -27.45 -13.08 32.14
N GLY A 245 -26.24 -12.56 32.22
CA GLY A 245 -25.04 -13.38 32.13
C GLY A 245 -23.82 -12.49 32.24
N HIS A 246 -22.68 -13.12 32.40
CA HIS A 246 -21.43 -12.36 32.39
C HIS A 246 -20.36 -13.14 31.66
N LEU A 247 -19.44 -12.40 31.04
CA LEU A 247 -18.28 -12.96 30.38
C LEU A 247 -17.05 -12.37 31.05
N LYS A 248 -16.28 -13.20 31.74
CA LYS A 248 -15.11 -12.75 32.47
C LYS A 248 -13.85 -13.17 31.74
N TYR A 249 -12.95 -12.22 31.53
CA TYR A 249 -11.67 -12.44 30.89
C TYR A 249 -10.56 -12.25 31.90
N TYR A 250 -9.67 -13.22 32.03
CA TYR A 250 -8.57 -13.13 32.97
C TYR A 250 -7.26 -12.98 32.21
N LEU A 251 -6.37 -12.12 32.70
CA LEU A 251 -5.08 -11.89 32.05
C LEU A 251 -3.99 -11.74 33.11
N ALA A 252 -2.99 -12.61 33.03
CA ALA A 252 -1.84 -12.54 33.91
C ALA A 252 -0.99 -11.30 33.59
N PRO A 253 -0.38 -10.70 34.61
CA PRO A 253 0.50 -9.54 34.35
C PRO A 253 1.78 -9.90 33.63
N LYS A 254 2.31 -8.94 32.89
CA LYS A 254 3.49 -9.15 32.06
C LYS A 254 4.77 -8.94 32.86
N MET B 1 10.61 25.90 23.35
CA MET B 1 9.32 25.59 23.94
C MET B 1 8.19 25.92 22.97
N PHE B 2 7.69 24.90 22.30
CA PHE B 2 6.62 25.05 21.32
C PHE B 2 5.35 24.42 21.86
N GLU B 3 4.22 25.11 21.70
CA GLU B 3 2.92 24.61 22.16
C GLU B 3 1.84 25.19 21.26
N ALA B 4 0.97 24.31 20.75
CA ALA B 4 -0.11 24.71 19.86
C ALA B 4 -1.32 23.83 20.14
N ARG B 5 -2.32 24.40 20.81
CA ARG B 5 -3.56 23.70 21.11
C ARG B 5 -4.52 23.92 19.94
N LEU B 6 -4.70 22.89 19.13
CA LEU B 6 -5.57 22.96 17.98
C LEU B 6 -6.93 22.37 18.34
N VAL B 7 -7.98 23.19 18.27
CA VAL B 7 -9.30 22.79 18.76
C VAL B 7 -10.00 21.82 17.80
N GLN B 8 -9.59 21.79 16.53
CA GLN B 8 -10.18 20.87 15.56
C GLN B 8 -9.07 19.90 15.15
N GLY B 9 -8.93 18.82 15.90
CA GLY B 9 -7.87 17.85 15.65
C GLY B 9 -8.13 16.92 14.48
N SER B 10 -9.36 16.90 13.97
CA SER B 10 -9.67 16.16 12.75
C SER B 10 -8.97 16.76 11.54
N ILE B 11 -8.72 18.08 11.56
CA ILE B 11 -7.98 18.73 10.47
C ILE B 11 -6.54 18.24 10.42
N LEU B 12 -5.87 18.18 11.57
CA LEU B 12 -4.48 17.73 11.60
C LEU B 12 -4.37 16.22 11.38
N LYS B 13 -5.38 15.47 11.84
CA LYS B 13 -5.47 14.04 11.53
C LYS B 13 -5.65 13.80 10.03
N LYS B 14 -6.44 14.65 9.36
CA LYS B 14 -6.60 14.53 7.91
C LYS B 14 -5.36 14.99 7.16
N VAL B 15 -4.62 15.96 7.71
CA VAL B 15 -3.32 16.38 7.13
C VAL B 15 -2.32 15.23 7.18
N LEU B 16 -2.23 14.53 8.31
CA LEU B 16 -1.30 13.42 8.38
C LEU B 16 -1.79 12.17 7.65
N GLU B 17 -3.10 11.99 7.50
CA GLU B 17 -3.61 10.94 6.64
C GLU B 17 -3.36 11.25 5.17
N ALA B 18 -3.35 12.54 4.81
CA ALA B 18 -2.98 12.95 3.47
C ALA B 18 -1.48 12.75 3.21
N LEU B 19 -0.66 13.18 4.15
CA LEU B 19 0.78 13.21 3.97
C LEU B 19 1.43 11.86 4.22
N LYS B 20 0.71 10.92 4.82
CA LYS B 20 1.30 9.63 5.20
C LYS B 20 1.59 8.77 3.98
N ASP B 21 0.69 8.74 3.00
CA ASP B 21 0.88 7.91 1.82
C ASP B 21 1.90 8.50 0.87
N LEU B 22 2.07 9.83 0.88
CA LEU B 22 2.94 10.47 -0.10
C LEU B 22 4.37 10.59 0.42
N ILE B 23 4.55 11.19 1.59
CA ILE B 23 5.87 11.34 2.20
C ILE B 23 5.98 10.33 3.33
N ASN B 24 7.06 9.56 3.34
CA ASN B 24 7.30 8.67 4.48
C ASN B 24 8.00 9.40 5.61
N GLU B 25 9.02 10.22 5.30
CA GLU B 25 9.83 10.89 6.30
C GLU B 25 9.85 12.38 5.93
N ALA B 26 9.31 13.22 6.81
CA ALA B 26 9.18 14.65 6.52
C ALA B 26 9.66 15.49 7.70
N CYS B 27 10.07 16.72 7.38
CA CYS B 27 10.61 17.65 8.36
C CYS B 27 9.67 18.84 8.50
N TRP B 28 9.26 19.12 9.73
CA TRP B 28 8.31 20.20 10.01
C TRP B 28 9.06 21.50 10.31
N ASP B 29 8.86 22.49 9.46
CA ASP B 29 9.45 23.82 9.66
C ASP B 29 8.51 24.70 10.48
N ILE B 30 8.52 24.47 11.79
CA ILE B 30 7.63 25.19 12.68
C ILE B 30 8.31 26.47 13.15
N SER B 31 7.68 27.61 12.87
CA SER B 31 8.18 28.93 13.22
C SER B 31 7.11 29.66 14.03
N SER B 32 7.41 30.90 14.40
CA SER B 32 6.45 31.72 15.13
C SER B 32 5.33 32.23 14.23
N SER B 33 5.57 32.33 12.92
CA SER B 33 4.53 32.78 12.01
C SER B 33 3.49 31.68 11.75
N GLY B 34 3.89 30.43 11.87
CA GLY B 34 2.96 29.33 11.69
C GLY B 34 3.68 28.01 11.57
N VAL B 35 2.90 26.99 11.24
CA VAL B 35 3.45 25.65 11.04
C VAL B 35 3.58 25.41 9.55
N ASN B 36 4.78 25.06 9.10
CA ASN B 36 5.03 24.78 7.69
C ASN B 36 5.70 23.43 7.52
N LEU B 37 5.40 22.79 6.40
CA LEU B 37 6.09 21.57 5.99
C LEU B 37 6.33 21.69 4.50
N GLN B 38 7.60 21.61 4.09
CA GLN B 38 7.96 21.57 2.67
C GLN B 38 8.88 20.37 2.47
N SER B 39 8.35 19.30 1.89
CA SER B 39 9.12 18.10 1.63
C SER B 39 8.59 17.45 0.36
N MET B 40 9.49 16.90 -0.44
CA MET B 40 9.06 16.24 -1.66
C MET B 40 8.65 14.80 -1.41
N ASP B 41 8.39 14.09 -2.50
CA ASP B 41 8.26 12.64 -2.51
C ASP B 41 9.66 12.02 -2.34
N SER B 42 9.69 10.73 -2.00
CA SER B 42 10.94 9.99 -2.00
C SER B 42 11.51 9.83 -3.41
N SER B 43 10.66 9.84 -4.43
CA SER B 43 11.10 9.88 -5.82
C SER B 43 11.40 11.30 -6.30
N HIS B 44 11.18 12.31 -5.44
CA HIS B 44 11.55 13.72 -5.64
C HIS B 44 10.89 14.35 -6.87
N VAL B 45 9.68 13.90 -7.19
CA VAL B 45 8.90 14.40 -8.31
C VAL B 45 7.56 14.98 -7.86
N SER B 46 7.33 15.06 -6.56
CA SER B 46 6.04 15.51 -6.04
C SER B 46 6.25 16.17 -4.70
N LEU B 47 6.07 17.48 -4.64
CA LEU B 47 6.33 18.27 -3.43
C LEU B 47 5.03 18.64 -2.74
N VAL B 48 5.09 18.70 -1.41
CA VAL B 48 3.99 19.12 -0.56
C VAL B 48 4.44 20.40 0.13
N GLN B 49 3.59 21.43 0.08
CA GLN B 49 3.84 22.65 0.82
C GLN B 49 2.69 22.86 1.79
N LEU B 50 2.79 22.21 2.95
CA LEU B 50 1.79 22.37 4.00
C LEU B 50 2.02 23.69 4.71
N THR B 51 0.93 24.42 4.96
CA THR B 51 0.98 25.64 5.76
C THR B 51 -0.16 25.57 6.77
N LEU B 52 0.16 25.81 8.04
CA LEU B 52 -0.82 25.92 9.11
C LEU B 52 -0.46 27.18 9.88
N ARG B 53 -1.12 28.28 9.57
CA ARG B 53 -0.80 29.58 10.14
C ARG B 53 -1.23 29.66 11.60
N SER B 54 -0.64 30.61 12.32
CA SER B 54 -0.85 30.74 13.75
C SER B 54 -2.22 31.27 14.13
N GLU B 55 -2.94 31.88 13.19
CA GLU B 55 -4.29 32.36 13.46
C GLU B 55 -5.29 31.21 13.51
N GLY B 56 -5.01 30.10 12.84
CA GLY B 56 -5.92 28.97 12.87
C GLY B 56 -5.90 28.21 14.18
N PHE B 57 -4.73 28.09 14.79
CA PHE B 57 -4.62 27.51 16.11
C PHE B 57 -5.16 28.48 17.16
N ASP B 58 -5.59 27.92 18.29
CA ASP B 58 -6.12 28.77 19.35
C ASP B 58 -5.00 29.44 20.15
N THR B 59 -4.18 28.64 20.82
CA THR B 59 -3.07 29.15 21.61
C THR B 59 -1.77 28.67 20.98
N TYR B 60 -1.27 29.42 20.01
CA TYR B 60 -0.02 29.13 19.34
C TYR B 60 1.11 29.85 20.06
N ARG B 61 2.20 29.14 20.31
CA ARG B 61 3.34 29.71 21.01
C ARG B 61 4.61 28.97 20.59
N CYS B 62 5.55 29.70 19.99
CA CYS B 62 6.81 29.12 19.56
C CYS B 62 7.90 30.16 19.79
N ASP B 63 8.93 29.78 20.56
CA ASP B 63 9.99 30.73 20.88
C ASP B 63 11.00 30.85 19.74
N ARG B 64 11.67 29.75 19.40
CA ARG B 64 12.62 29.72 18.32
C ARG B 64 12.06 28.89 17.16
N ASN B 65 12.52 29.19 15.95
CA ASN B 65 12.05 28.52 14.73
C ASN B 65 12.67 27.12 14.67
N LEU B 66 12.04 26.19 15.37
CA LEU B 66 12.56 24.85 15.52
C LEU B 66 12.12 23.98 14.35
N ALA B 67 13.08 23.31 13.74
CA ALA B 67 12.81 22.39 12.64
C ALA B 67 13.06 20.98 13.13
N MET B 68 12.05 20.12 13.00
CA MET B 68 12.16 18.75 13.47
C MET B 68 11.57 17.81 12.42
N GLY B 69 12.08 16.58 12.41
CA GLY B 69 11.66 15.60 11.43
C GLY B 69 11.07 14.37 12.08
N VAL B 70 9.86 14.01 11.68
CA VAL B 70 9.16 12.89 12.29
C VAL B 70 8.93 11.83 11.22
N ASN B 71 8.58 10.63 11.68
CA ASN B 71 8.06 9.60 10.80
C ASN B 71 6.56 9.84 10.63
N LEU B 72 6.14 10.11 9.40
CA LEU B 72 4.74 10.42 9.15
C LEU B 72 3.85 9.19 9.26
N THR B 73 4.39 7.99 9.07
CA THR B 73 3.64 6.78 9.35
C THR B 73 3.42 6.63 10.86
N SER B 74 4.45 6.90 11.66
CA SER B 74 4.33 6.83 13.12
C SER B 74 3.47 7.96 13.66
N MET B 75 3.60 9.17 13.10
CA MET B 75 2.77 10.28 13.54
C MET B 75 1.32 10.10 13.09
N SER B 76 1.10 9.45 11.95
CA SER B 76 -0.25 9.12 11.52
C SER B 76 -0.88 8.04 12.40
N LYS B 77 -0.08 7.06 12.82
CA LYS B 77 -0.57 6.03 13.75
C LYS B 77 -0.83 6.59 15.14
N ILE B 78 -0.13 7.64 15.53
CA ILE B 78 -0.39 8.29 16.81
C ILE B 78 -1.53 9.29 16.72
N LEU B 79 -1.73 9.93 15.56
CA LEU B 79 -2.90 10.79 15.39
C LEU B 79 -4.17 10.02 15.11
N LYS B 80 -4.07 8.74 14.77
CA LYS B 80 -5.26 7.89 14.72
C LYS B 80 -5.79 7.52 16.10
N CYS B 81 -5.01 7.75 17.16
CA CYS B 81 -5.49 7.58 18.52
C CYS B 81 -6.51 8.64 18.90
N ALA B 82 -6.41 9.84 18.31
CA ALA B 82 -7.37 10.90 18.59
C ALA B 82 -8.69 10.61 17.89
N GLY B 83 -9.77 11.12 18.49
CA GLY B 83 -11.09 11.00 17.92
C GLY B 83 -11.36 12.05 16.87
N ASN B 84 -12.61 12.07 16.40
CA ASN B 84 -13.00 13.03 15.38
C ASN B 84 -13.16 14.43 15.92
N GLU B 85 -13.43 14.58 17.22
CA GLU B 85 -13.58 15.89 17.82
C GLU B 85 -12.54 16.16 18.90
N ASP B 86 -11.49 15.34 18.96
CA ASP B 86 -10.49 15.45 20.01
C ASP B 86 -9.59 16.66 19.78
N ILE B 87 -9.41 17.47 20.82
CA ILE B 87 -8.59 18.66 20.75
C ILE B 87 -7.12 18.24 20.81
N ILE B 88 -6.42 18.35 19.69
CA ILE B 88 -5.01 17.97 19.63
C ILE B 88 -4.19 19.15 20.12
N THR B 89 -3.40 18.92 21.16
CA THR B 89 -2.51 19.94 21.71
C THR B 89 -1.08 19.53 21.40
N LEU B 90 -0.42 20.30 20.56
CA LEU B 90 1.00 20.12 20.31
C LEU B 90 1.82 20.58 21.51
N ARG B 91 2.91 19.86 21.79
CA ARG B 91 3.90 20.35 22.73
C ARG B 91 5.27 19.85 22.29
N ALA B 92 6.21 20.79 22.11
CA ALA B 92 7.63 20.48 21.97
C ALA B 92 8.37 21.27 23.04
N GLU B 93 9.18 20.57 23.84
CA GLU B 93 9.91 21.21 24.93
C GLU B 93 11.10 21.98 24.36
N ASP B 94 11.56 22.99 25.10
CA ASP B 94 12.83 23.64 24.81
C ASP B 94 13.97 22.65 24.91
N ASN B 95 14.91 22.75 23.95
CA ASN B 95 15.88 21.71 23.58
C ASN B 95 15.18 20.38 23.32
N ALA B 96 14.42 20.39 22.22
CA ALA B 96 13.48 19.31 21.90
C ALA B 96 14.17 18.00 21.55
N ASP B 97 13.63 16.91 22.09
CA ASP B 97 14.11 15.57 21.79
C ASP B 97 12.92 14.67 21.45
N THR B 98 11.73 15.04 21.94
CA THR B 98 10.50 14.32 21.67
C THR B 98 9.38 15.32 21.43
N LEU B 99 8.30 14.84 20.83
CA LEU B 99 7.09 15.64 20.62
C LEU B 99 5.94 15.02 21.41
N ALA B 100 5.31 15.84 22.26
CA ALA B 100 4.17 15.39 23.03
C ALA B 100 2.87 15.81 22.35
N LEU B 101 1.90 14.89 22.31
CA LEU B 101 0.61 15.11 21.68
C LEU B 101 -0.48 14.85 22.72
N VAL B 102 -1.24 15.88 23.05
CA VAL B 102 -2.30 15.75 24.05
C VAL B 102 -3.64 15.80 23.31
N PHE B 103 -4.44 14.75 23.47
CA PHE B 103 -5.75 14.66 22.84
C PHE B 103 -6.79 14.81 23.94
N GLU B 104 -7.55 15.89 23.90
CA GLU B 104 -8.60 16.15 24.88
C GLU B 104 -9.95 16.06 24.20
N ALA B 105 -10.79 15.14 24.67
CA ALA B 105 -12.18 15.12 24.21
C ALA B 105 -12.96 16.24 24.90
N PRO B 106 -13.90 16.91 24.19
CA PRO B 106 -14.64 18.02 24.80
C PRO B 106 -15.61 17.63 25.90
N ASN B 107 -16.46 16.64 25.64
CA ASN B 107 -17.50 16.28 26.60
C ASN B 107 -16.93 15.42 27.73
N GLN B 108 -16.41 14.25 27.39
CA GLN B 108 -15.76 13.40 28.38
C GLN B 108 -14.36 13.96 28.65
N GLU B 109 -14.05 14.18 29.93
CA GLU B 109 -12.70 14.63 30.29
C GLU B 109 -11.75 13.45 30.19
N LYS B 110 -10.81 13.55 29.24
CA LYS B 110 -9.89 12.47 28.92
C LYS B 110 -8.63 13.09 28.33
N VAL B 111 -7.52 12.92 29.02
CA VAL B 111 -6.24 13.50 28.61
C VAL B 111 -5.40 12.37 28.02
N SER B 112 -5.30 12.34 26.70
CA SER B 112 -4.54 11.32 25.99
C SER B 112 -3.19 11.91 25.61
N ASP B 113 -2.26 11.88 26.56
CA ASP B 113 -0.90 12.33 26.28
C ASP B 113 -0.16 11.30 25.43
N TYR B 114 0.44 11.75 24.34
CA TYR B 114 1.17 10.88 23.43
C TYR B 114 2.52 11.52 23.14
N GLU B 115 3.54 11.07 23.87
CA GLU B 115 4.91 11.49 23.59
C GLU B 115 5.45 10.69 22.42
N MET B 116 6.09 11.38 21.47
CA MET B 116 6.54 10.74 20.24
C MET B 116 8.01 11.06 19.99
N LYS B 117 8.79 10.03 19.67
CA LYS B 117 10.22 10.19 19.49
C LYS B 117 10.54 10.90 18.18
N LEU B 118 11.43 11.90 18.26
CA LEU B 118 11.90 12.64 17.11
C LEU B 118 13.09 11.91 16.49
N MET B 119 13.48 12.37 15.30
CA MET B 119 14.54 11.73 14.53
C MET B 119 15.15 12.76 13.58
N ASP B 120 16.31 12.42 13.03
CA ASP B 120 17.11 13.39 12.28
C ASP B 120 16.96 13.23 10.77
N LEU B 121 16.65 14.35 10.10
CA LEU B 121 16.43 14.35 8.66
C LEU B 121 17.30 15.41 7.99
N ASP B 122 17.55 15.21 6.71
CA ASP B 122 18.10 16.21 5.80
C ASP B 122 17.12 16.31 4.63
N VAL B 123 16.21 17.28 4.70
CA VAL B 123 15.13 17.44 3.73
C VAL B 123 15.35 18.74 2.97
N GLU B 124 15.40 18.66 1.64
CA GLU B 124 15.64 19.83 0.81
C GLU B 124 14.36 20.64 0.67
N GLN B 125 14.33 21.81 1.28
CA GLN B 125 13.26 22.77 1.02
C GLN B 125 13.59 23.61 -0.20
N LEU B 126 12.55 23.95 -0.95
CA LEU B 126 12.70 24.55 -2.27
C LEU B 126 12.02 25.90 -2.34
N GLY B 127 12.63 26.81 -3.09
CA GLY B 127 12.08 28.13 -3.28
C GLY B 127 11.13 28.19 -4.45
N ILE B 128 9.83 28.10 -4.15
CA ILE B 128 8.78 28.19 -5.17
C ILE B 128 8.42 29.65 -5.33
N PRO B 129 8.54 30.23 -6.52
CA PRO B 129 8.17 31.64 -6.70
C PRO B 129 6.66 31.82 -6.70
N GLU B 130 6.24 33.04 -6.38
CA GLU B 130 4.82 33.39 -6.35
C GLU B 130 4.40 33.77 -7.76
N GLN B 131 4.21 32.75 -8.59
CA GLN B 131 3.84 32.93 -9.99
C GLN B 131 2.33 32.77 -10.16
N GLU B 132 1.83 33.32 -11.26
CA GLU B 132 0.41 33.25 -11.59
C GLU B 132 0.22 32.23 -12.70
N TYR B 133 -0.70 31.30 -12.49
CA TYR B 133 -0.93 30.19 -13.39
C TYR B 133 -2.04 30.52 -14.37
N SER B 134 -1.91 29.98 -15.58
CA SER B 134 -2.90 30.25 -16.62
C SER B 134 -4.16 29.43 -16.39
N CYS B 135 -4.03 28.10 -16.43
CA CYS B 135 -5.14 27.21 -16.12
C CYS B 135 -5.27 27.07 -14.61
N VAL B 136 -6.24 27.76 -14.03
CA VAL B 136 -6.60 27.63 -12.63
C VAL B 136 -8.01 27.06 -12.57
N VAL B 137 -8.15 25.87 -12.01
CA VAL B 137 -9.40 25.12 -12.00
C VAL B 137 -9.81 24.90 -10.55
N LYS B 138 -10.98 25.40 -10.19
CA LYS B 138 -11.58 25.07 -8.91
C LYS B 138 -12.57 23.93 -9.10
N MET B 139 -12.47 22.90 -8.29
CA MET B 139 -13.32 21.72 -8.36
C MET B 139 -13.87 21.39 -6.99
N PRO B 140 -14.99 20.67 -6.92
CA PRO B 140 -15.28 19.90 -5.72
C PRO B 140 -14.21 18.83 -5.51
N SER B 141 -13.86 18.59 -4.25
CA SER B 141 -12.73 17.72 -3.94
C SER B 141 -13.06 16.24 -4.11
N GLY B 142 -14.31 15.84 -3.81
CA GLY B 142 -14.71 14.48 -4.03
C GLY B 142 -14.81 14.12 -5.50
N GLU B 143 -15.11 15.13 -6.34
CA GLU B 143 -15.15 14.91 -7.79
C GLU B 143 -13.75 14.65 -8.35
N PHE B 144 -12.76 15.44 -7.91
CA PHE B 144 -11.38 15.22 -8.34
C PHE B 144 -10.80 13.94 -7.77
N ALA B 145 -11.22 13.57 -6.54
CA ALA B 145 -10.86 12.29 -5.95
C ALA B 145 -11.42 11.13 -6.74
N ARG B 146 -12.68 11.24 -7.19
CA ARG B 146 -13.32 10.25 -8.03
C ARG B 146 -12.62 10.13 -9.37
N ILE B 147 -12.22 11.27 -9.95
CA ILE B 147 -11.60 11.31 -11.27
C ILE B 147 -10.22 10.67 -11.26
N CYS B 148 -9.40 11.00 -10.25
CA CYS B 148 -8.09 10.35 -10.12
C CYS B 148 -8.22 8.87 -9.74
N ARG B 149 -9.20 8.54 -8.89
CA ARG B 149 -9.39 7.17 -8.44
C ARG B 149 -9.89 6.25 -9.55
N ASP B 150 -10.67 6.76 -10.50
CA ASP B 150 -11.14 5.84 -11.54
C ASP B 150 -10.33 5.93 -12.83
N LEU B 151 -9.59 7.03 -13.04
CA LEU B 151 -8.64 7.05 -14.14
C LEU B 151 -7.35 6.33 -13.81
N SER B 152 -7.08 6.08 -12.51
CA SER B 152 -5.95 5.23 -12.14
C SER B 152 -6.13 3.77 -12.57
N HIS B 153 -7.37 3.32 -12.74
CA HIS B 153 -7.64 1.98 -13.25
C HIS B 153 -7.38 1.84 -14.74
N ILE B 154 -7.37 2.95 -15.48
CA ILE B 154 -7.20 2.93 -16.92
C ILE B 154 -5.72 2.90 -17.28
N GLY B 155 -4.99 3.92 -16.88
CA GLY B 155 -3.59 4.03 -17.24
C GLY B 155 -2.70 4.54 -16.13
N ASP B 156 -1.48 4.92 -16.47
CA ASP B 156 -0.52 5.46 -15.52
C ASP B 156 -0.41 6.97 -15.59
N ALA B 157 -1.07 7.62 -16.55
CA ALA B 157 -0.88 9.05 -16.76
C ALA B 157 -2.17 9.68 -17.24
N VAL B 158 -2.48 10.86 -16.72
CA VAL B 158 -3.66 11.62 -17.10
C VAL B 158 -3.20 12.85 -17.85
N VAL B 159 -3.71 13.01 -19.08
CA VAL B 159 -3.50 14.23 -19.86
C VAL B 159 -4.57 15.22 -19.40
N ILE B 160 -4.15 16.22 -18.62
CA ILE B 160 -5.07 17.25 -18.19
C ILE B 160 -5.13 18.32 -19.27
N SER B 161 -6.17 18.26 -20.09
CA SER B 161 -6.42 19.31 -21.07
C SER B 161 -7.29 20.38 -20.43
N CYS B 162 -6.94 21.64 -20.68
CA CYS B 162 -7.64 22.77 -20.07
C CYS B 162 -8.24 23.59 -21.20
N ALA B 163 -9.56 23.77 -21.17
CA ALA B 163 -10.26 24.58 -22.15
C ALA B 163 -11.11 25.61 -21.42
N LYS B 164 -11.64 26.57 -22.19
CA LYS B 164 -12.53 27.56 -21.61
C LYS B 164 -13.90 26.95 -21.28
N ASP B 165 -14.29 25.90 -22.00
CA ASP B 165 -15.52 25.19 -21.68
C ASP B 165 -15.35 24.42 -20.38
N GLY B 166 -14.25 23.71 -20.22
CA GLY B 166 -14.01 22.97 -19.01
C GLY B 166 -12.73 22.17 -19.09
N VAL B 167 -12.33 21.64 -17.95
CA VAL B 167 -11.10 20.85 -17.85
C VAL B 167 -11.41 19.42 -18.31
N LYS B 168 -10.49 18.85 -19.09
CA LYS B 168 -10.66 17.51 -19.65
C LYS B 168 -9.53 16.63 -19.17
N PHE B 169 -9.88 15.50 -18.55
CA PHE B 169 -8.91 14.55 -18.02
C PHE B 169 -8.91 13.32 -18.90
N SER B 170 -7.81 13.08 -19.61
CA SER B 170 -7.71 11.99 -20.56
C SER B 170 -6.60 11.04 -20.13
N ALA B 171 -6.93 9.76 -20.01
CA ALA B 171 -5.96 8.73 -19.66
C ALA B 171 -6.09 7.56 -20.63
N SER B 172 -4.97 7.07 -21.12
CA SER B 172 -4.92 5.96 -22.05
C SER B 172 -4.09 4.83 -21.45
N GLY B 173 -4.57 3.60 -21.60
CA GLY B 173 -3.87 2.46 -21.07
C GLY B 173 -4.11 1.23 -21.92
N GLU B 174 -3.58 0.10 -21.45
CA GLU B 174 -3.80 -1.18 -22.12
C GLU B 174 -5.21 -1.71 -21.91
N LEU B 175 -5.89 -1.29 -20.84
CA LEU B 175 -7.28 -1.66 -20.63
C LEU B 175 -8.19 -0.95 -21.63
N GLY B 176 -7.86 0.29 -21.96
CA GLY B 176 -8.69 1.07 -22.88
C GLY B 176 -8.30 2.52 -22.85
N ASN B 177 -9.25 3.36 -23.26
CA ASN B 177 -9.06 4.81 -23.26
C ASN B 177 -10.13 5.42 -22.38
N GLY B 178 -9.86 6.63 -21.90
CA GLY B 178 -10.81 7.35 -21.08
C GLY B 178 -10.64 8.84 -21.26
N ASN B 179 -11.76 9.56 -21.20
CA ASN B 179 -11.78 11.02 -21.37
C ASN B 179 -12.86 11.56 -20.43
N ILE B 180 -12.46 11.99 -19.24
CA ILE B 180 -13.39 12.68 -18.35
C ILE B 180 -13.29 14.17 -18.67
N LYS B 181 -14.31 14.71 -19.31
CA LYS B 181 -14.36 16.13 -19.65
C LYS B 181 -15.40 16.80 -18.78
N LEU B 182 -15.03 17.93 -18.19
CA LEU B 182 -15.90 18.69 -17.32
C LEU B 182 -16.39 19.94 -18.03
N SER B 183 -17.26 20.66 -17.34
CA SER B 183 -17.76 21.93 -17.84
C SER B 183 -17.77 22.94 -16.70
N GLN B 184 -17.53 24.20 -17.04
CA GLN B 184 -17.68 25.27 -16.07
C GLN B 184 -19.15 25.47 -15.78
N THR B 185 -19.50 25.54 -14.48
CA THR B 185 -20.88 25.61 -14.05
C THR B 185 -21.43 27.01 -14.32
N SER B 186 -22.22 27.14 -15.38
CA SER B 186 -22.91 28.39 -15.64
C SER B 186 -24.04 28.62 -14.64
N ASN B 187 -24.79 27.56 -14.33
CA ASN B 187 -25.82 27.59 -13.29
C ASN B 187 -25.20 27.02 -12.02
N VAL B 188 -25.00 27.89 -11.03
CA VAL B 188 -24.39 27.51 -9.76
C VAL B 188 -25.48 27.55 -8.69
N ASP B 189 -25.75 26.39 -8.10
CA ASP B 189 -26.66 26.31 -6.96
C ASP B 189 -25.91 26.35 -5.64
N LYS B 190 -24.78 25.66 -5.56
CA LYS B 190 -23.94 25.63 -4.38
C LYS B 190 -22.50 25.91 -4.78
N GLU B 191 -21.76 26.54 -3.87
CA GLU B 191 -20.36 26.87 -4.14
C GLU B 191 -19.46 25.64 -4.11
N GLU B 192 -19.72 24.73 -3.17
CA GLU B 192 -18.85 23.57 -2.95
C GLU B 192 -18.98 22.49 -4.01
N GLU B 193 -20.01 22.54 -4.85
CA GLU B 193 -20.19 21.57 -5.91
C GLU B 193 -20.34 22.35 -7.23
N ALA B 194 -19.40 23.26 -7.46
CA ALA B 194 -19.36 24.06 -8.67
C ALA B 194 -17.93 24.10 -9.21
N VAL B 195 -17.81 24.13 -10.52
CA VAL B 195 -16.51 24.14 -11.20
C VAL B 195 -16.35 25.49 -11.88
N THR B 196 -15.32 26.23 -11.48
CA THR B 196 -14.98 27.51 -12.10
C THR B 196 -13.64 27.38 -12.81
N ILE B 197 -13.55 27.98 -14.00
CA ILE B 197 -12.34 27.94 -14.81
C ILE B 197 -11.86 29.39 -15.00
N GLU B 198 -10.56 29.61 -14.83
CA GLU B 198 -9.97 30.94 -14.74
C GLU B 198 -8.86 31.13 -15.78
N MET B 199 -9.21 30.88 -17.05
CA MET B 199 -8.27 30.80 -18.15
C MET B 199 -7.52 32.08 -18.45
N ASN B 200 -6.23 31.91 -18.78
CA ASN B 200 -5.43 32.88 -19.50
C ASN B 200 -5.07 32.40 -20.89
N GLU B 201 -4.70 31.12 -21.04
CA GLU B 201 -4.38 30.50 -22.31
C GLU B 201 -4.58 29.00 -22.17
N PRO B 202 -4.96 28.29 -23.23
CA PRO B 202 -5.18 26.84 -23.12
C PRO B 202 -3.88 26.06 -23.01
N VAL B 203 -3.83 25.15 -22.04
CA VAL B 203 -2.67 24.29 -21.82
C VAL B 203 -3.09 22.83 -22.01
N GLN B 204 -2.08 21.96 -22.12
CA GLN B 204 -2.30 20.53 -22.36
C GLN B 204 -1.07 19.80 -21.82
N LEU B 205 -1.18 19.23 -20.62
CA LEU B 205 -0.05 18.61 -19.95
C LEU B 205 -0.42 17.22 -19.46
N THR B 206 0.60 16.38 -19.26
CA THR B 206 0.39 15.01 -18.81
C THR B 206 1.04 14.83 -17.44
N PHE B 207 0.29 14.23 -16.51
CA PHE B 207 0.77 14.03 -15.14
C PHE B 207 0.56 12.59 -14.73
N ALA B 208 1.44 12.10 -13.85
CA ALA B 208 1.37 10.72 -13.39
C ALA B 208 0.21 10.55 -12.41
N LEU B 209 -0.21 9.31 -12.20
CA LEU B 209 -1.45 9.07 -11.47
C LEU B 209 -1.23 8.56 -10.06
N ARG B 210 -0.06 8.00 -9.78
CA ARG B 210 0.24 7.54 -8.42
C ARG B 210 0.32 8.71 -7.45
N TYR B 211 1.06 9.75 -7.86
CA TYR B 211 1.14 10.97 -7.07
C TYR B 211 -0.16 11.75 -7.07
N LEU B 212 -0.98 11.62 -8.13
CA LEU B 212 -2.29 12.25 -8.12
C LEU B 212 -3.25 11.55 -7.15
N ASN B 213 -3.12 10.22 -7.02
CA ASN B 213 -3.86 9.49 -5.99
C ASN B 213 -3.41 9.89 -4.58
N PHE B 214 -2.10 10.13 -4.41
CA PHE B 214 -1.61 10.66 -3.13
C PHE B 214 -2.10 12.09 -2.88
N PHE B 215 -2.38 12.85 -3.95
CA PHE B 215 -2.93 14.19 -3.76
C PHE B 215 -4.39 14.11 -3.36
N THR B 216 -5.14 13.18 -3.96
CA THR B 216 -6.55 13.01 -3.65
C THR B 216 -6.81 12.20 -2.40
N LYS B 217 -5.75 11.73 -1.75
CA LYS B 217 -5.81 11.31 -0.35
C LYS B 217 -6.11 12.46 0.62
N ALA B 218 -5.94 13.72 0.22
CA ALA B 218 -6.28 14.89 1.02
C ALA B 218 -7.72 15.34 0.88
N THR B 219 -8.61 14.46 0.42
CA THR B 219 -10.00 14.82 0.11
C THR B 219 -10.85 15.27 1.31
N PRO B 220 -10.85 14.65 2.51
CA PRO B 220 -11.72 15.18 3.57
C PRO B 220 -11.22 16.44 4.27
N LEU B 221 -10.07 17.00 3.87
CA LEU B 221 -9.57 18.25 4.44
C LEU B 221 -10.43 19.44 4.05
N SER B 222 -10.52 19.69 2.75
CA SER B 222 -11.35 20.76 2.22
C SER B 222 -12.22 20.19 1.11
N SER B 223 -13.32 20.88 0.83
CA SER B 223 -14.21 20.45 -0.25
C SER B 223 -13.85 21.07 -1.58
N THR B 224 -12.78 21.87 -1.64
CA THR B 224 -12.37 22.54 -2.87
C THR B 224 -10.95 22.13 -3.24
N VAL B 225 -10.73 21.90 -4.53
CA VAL B 225 -9.41 21.64 -5.09
C VAL B 225 -9.11 22.75 -6.08
N THR B 226 -8.03 23.48 -5.85
CA THR B 226 -7.62 24.55 -6.77
C THR B 226 -6.52 24.01 -7.68
N LEU B 227 -6.92 23.40 -8.79
CA LEU B 227 -5.99 22.86 -9.77
C LEU B 227 -5.39 24.00 -10.57
N SER B 228 -4.21 24.44 -10.17
CA SER B 228 -3.51 25.54 -10.84
C SER B 228 -2.35 24.95 -11.62
N MET B 229 -2.26 25.30 -12.90
CA MET B 229 -1.23 24.79 -13.79
C MET B 229 -1.00 25.74 -14.94
N SER B 230 0.15 25.60 -15.58
CA SER B 230 0.50 26.35 -16.78
C SER B 230 1.29 25.41 -17.69
N ALA B 231 1.68 25.94 -18.85
CA ALA B 231 2.50 25.17 -19.78
C ALA B 231 3.91 25.00 -19.22
N ASP B 232 4.39 23.74 -19.29
CA ASP B 232 5.62 23.13 -18.71
C ASP B 232 6.05 23.74 -17.36
N VAL B 233 5.07 23.84 -16.46
CA VAL B 233 5.20 24.38 -15.11
C VAL B 233 4.46 23.36 -14.25
N PRO B 234 4.96 23.02 -13.04
CA PRO B 234 4.30 21.99 -12.23
C PRO B 234 2.90 22.34 -11.76
N LEU B 235 2.05 21.32 -11.67
CA LEU B 235 0.66 21.49 -11.31
C LEU B 235 0.51 21.72 -9.81
N VAL B 236 -0.27 22.73 -9.45
CA VAL B 236 -0.60 23.01 -8.05
C VAL B 236 -1.94 22.37 -7.76
N VAL B 237 -1.97 21.43 -6.81
CA VAL B 237 -3.23 20.88 -6.33
C VAL B 237 -3.46 21.41 -4.92
N GLU B 238 -4.12 22.56 -4.82
CA GLU B 238 -4.21 23.27 -3.55
C GLU B 238 -5.44 22.81 -2.78
N TYR B 239 -5.23 22.39 -1.54
CA TYR B 239 -6.30 22.01 -0.64
C TYR B 239 -6.36 23.09 0.44
N LYS B 240 -7.10 24.15 0.17
CA LYS B 240 -7.17 25.29 1.07
C LYS B 240 -8.16 24.97 2.19
N ILE B 241 -7.62 24.65 3.37
CA ILE B 241 -8.44 24.29 4.52
C ILE B 241 -9.02 25.57 5.13
N ALA B 242 -10.00 25.42 6.03
CA ALA B 242 -10.87 26.50 6.44
C ALA B 242 -10.16 27.41 7.44
N ASP B 243 -9.63 28.53 6.92
CA ASP B 243 -9.11 29.69 7.68
C ASP B 243 -7.98 29.32 8.63
N MET B 244 -7.16 28.34 8.24
CA MET B 244 -6.13 27.83 9.13
C MET B 244 -4.83 27.69 8.35
N GLY B 245 -4.96 27.60 7.03
CA GLY B 245 -3.81 27.47 6.17
C GLY B 245 -4.23 26.88 4.84
N HIS B 246 -3.23 26.39 4.11
CA HIS B 246 -3.46 25.77 2.81
C HIS B 246 -2.45 24.66 2.57
N LEU B 247 -2.94 23.54 2.05
CA LEU B 247 -2.10 22.38 1.74
C LEU B 247 -1.88 22.35 0.24
N LYS B 248 -0.71 22.82 -0.19
CA LYS B 248 -0.36 22.75 -1.59
C LYS B 248 0.09 21.35 -1.95
N TYR B 249 0.15 21.09 -3.25
CA TYR B 249 0.68 19.84 -3.79
C TYR B 249 1.26 20.12 -5.16
N TYR B 250 2.52 19.80 -5.34
CA TYR B 250 3.22 20.09 -6.59
C TYR B 250 3.52 18.77 -7.29
N LEU B 251 3.54 18.81 -8.61
CA LEU B 251 3.80 17.61 -9.39
C LEU B 251 4.44 17.99 -10.71
N ALA B 252 5.60 17.43 -11.00
CA ALA B 252 6.26 17.68 -12.27
C ALA B 252 5.52 16.98 -13.40
N PRO B 253 5.32 17.64 -14.55
CA PRO B 253 4.63 17.00 -15.66
C PRO B 253 5.48 15.95 -16.34
N LYS B 254 4.80 15.01 -16.99
CA LYS B 254 5.46 14.03 -17.84
C LYS B 254 5.79 14.72 -19.15
N ILE B 255 7.00 15.27 -19.23
CA ILE B 255 7.42 16.00 -20.41
C ILE B 255 7.71 15.04 -21.56
N GLU B 256 7.55 15.53 -22.78
CA GLU B 256 7.68 14.70 -23.96
C GLU B 256 8.92 15.08 -24.77
N GLY C 2 40.66 6.43 -6.93
CA GLY C 2 42.05 6.03 -6.83
C GLY C 2 42.86 6.96 -5.97
N ILE C 3 42.19 7.64 -5.04
CA ILE C 3 42.83 8.60 -4.14
C ILE C 3 42.80 7.99 -2.74
N GLN C 4 43.99 7.78 -2.17
CA GLN C 4 44.13 7.08 -0.90
C GLN C 4 43.79 8.02 0.24
N GLY C 5 42.56 7.93 0.72
CA GLY C 5 42.14 8.71 1.88
C GLY C 5 41.47 10.03 1.55
N LEU C 6 40.64 10.04 0.51
CA LEU C 6 39.92 11.25 0.13
C LEU C 6 38.50 11.29 0.67
N ALA C 7 37.80 10.15 0.68
CA ALA C 7 36.44 10.13 1.22
C ALA C 7 36.41 10.32 2.72
N LYS C 8 37.42 9.79 3.43
CA LYS C 8 37.57 10.08 4.85
C LYS C 8 37.95 11.54 5.09
N LEU C 9 38.69 12.14 4.15
CA LEU C 9 39.04 13.56 4.25
C LEU C 9 37.82 14.45 4.08
N ILE C 10 36.97 14.16 3.09
CA ILE C 10 35.76 14.93 2.88
C ILE C 10 34.75 14.67 4.00
N ALA C 11 34.76 13.45 4.57
CA ALA C 11 33.97 13.21 5.79
C ALA C 11 34.54 13.92 7.01
N ASP C 12 35.82 14.27 7.01
CA ASP C 12 36.43 14.98 8.13
C ASP C 12 36.27 16.50 8.04
N VAL C 13 36.80 17.12 6.99
CA VAL C 13 36.94 18.57 6.99
C VAL C 13 35.86 19.32 6.23
N ALA C 14 35.13 18.68 5.31
CA ALA C 14 34.05 19.33 4.58
C ALA C 14 32.77 18.48 4.61
N PRO C 15 32.02 18.49 5.73
CA PRO C 15 30.84 17.63 5.84
C PRO C 15 29.66 18.05 4.97
N SER C 16 29.64 19.28 4.47
CA SER C 16 28.53 19.78 3.66
C SER C 16 28.53 19.22 2.24
N ALA C 17 29.64 18.63 1.79
CA ALA C 17 29.67 18.04 0.45
C ALA C 17 28.92 16.71 0.41
N ILE C 18 29.07 15.89 1.44
CA ILE C 18 28.51 14.54 1.43
C ILE C 18 27.06 14.60 1.87
N ARG C 19 26.16 14.22 0.96
CA ARG C 19 24.74 14.08 1.26
C ARG C 19 24.36 12.63 0.95
N GLU C 20 24.28 11.81 1.99
CA GLU C 20 23.96 10.38 1.82
C GLU C 20 22.47 10.23 1.54
N ASN C 21 22.13 10.38 0.26
CA ASN C 21 20.74 10.40 -0.16
C ASN C 21 20.22 8.99 -0.37
N ASP C 22 18.98 8.90 -0.86
CA ASP C 22 18.33 7.64 -1.20
C ASP C 22 18.53 7.33 -2.67
N ILE C 23 18.37 6.05 -3.01
CA ILE C 23 18.45 5.66 -4.41
C ILE C 23 17.16 6.00 -5.14
N LYS C 24 16.05 6.13 -4.41
CA LYS C 24 14.79 6.61 -4.96
C LYS C 24 14.85 8.08 -5.37
N SER C 25 15.77 8.85 -4.78
CA SER C 25 15.84 10.29 -4.95
C SER C 25 16.24 10.73 -6.36
N TYR C 26 16.94 9.88 -7.11
CA TYR C 26 17.47 10.29 -8.41
C TYR C 26 16.59 9.76 -9.54
N PHE C 27 15.31 10.12 -9.54
CA PHE C 27 14.41 9.65 -10.57
C PHE C 27 14.65 10.45 -11.85
N GLY C 28 14.92 9.75 -12.95
CA GLY C 28 15.10 10.42 -14.22
C GLY C 28 16.38 11.20 -14.37
N ARG C 29 17.38 10.90 -13.55
CA ARG C 29 18.69 11.54 -13.65
C ARG C 29 19.56 10.74 -14.60
N LYS C 30 20.00 11.39 -15.68
CA LYS C 30 21.00 10.78 -16.54
C LYS C 30 22.32 10.71 -15.80
N VAL C 31 22.92 9.53 -15.77
CA VAL C 31 24.05 9.22 -14.89
C VAL C 31 25.12 8.49 -15.71
N ALA C 32 26.35 9.00 -15.72
CA ALA C 32 27.45 8.24 -16.28
C ALA C 32 28.03 7.32 -15.20
N ILE C 33 28.40 6.11 -15.60
CA ILE C 33 28.89 5.11 -14.64
C ILE C 33 30.21 4.54 -15.15
N ASP C 34 31.26 4.67 -14.33
CA ASP C 34 32.47 3.86 -14.49
C ASP C 34 32.13 2.38 -14.33
N ALA C 35 32.29 1.61 -15.40
CA ALA C 35 31.72 0.27 -15.48
C ALA C 35 32.68 -0.85 -15.13
N SER C 36 33.99 -0.65 -15.30
CA SER C 36 34.97 -1.74 -15.13
C SER C 36 35.11 -2.18 -13.68
N MET C 37 35.02 -1.23 -12.74
CA MET C 37 34.99 -1.58 -11.33
C MET C 37 33.70 -2.30 -10.95
N SER C 38 32.59 -1.98 -11.61
CA SER C 38 31.34 -2.71 -11.40
C SER C 38 31.46 -4.14 -11.91
N ILE C 39 32.19 -4.33 -13.02
CA ILE C 39 32.45 -5.67 -13.55
C ILE C 39 33.28 -6.49 -12.56
N TYR C 40 34.33 -5.88 -11.97
CA TYR C 40 35.04 -6.58 -10.89
C TYR C 40 34.23 -6.76 -9.63
N GLN C 41 33.27 -5.87 -9.34
CA GLN C 41 32.39 -6.05 -8.19
C GLN C 41 31.49 -7.28 -8.35
N PHE C 42 30.98 -7.50 -9.56
CA PHE C 42 30.17 -8.70 -9.80
C PHE C 42 31.01 -9.96 -9.95
N LEU C 43 32.19 -9.89 -10.57
CA LEU C 43 33.03 -11.07 -10.70
C LEU C 43 33.73 -11.44 -9.40
N ILE C 44 33.79 -10.52 -8.44
CA ILE C 44 34.31 -10.84 -7.12
C ILE C 44 33.20 -11.28 -6.17
N ALA C 45 32.04 -10.61 -6.22
CA ALA C 45 31.00 -10.85 -5.23
C ALA C 45 30.17 -12.10 -5.56
N VAL C 46 29.62 -12.17 -6.77
CA VAL C 46 28.61 -13.18 -7.08
C VAL C 46 29.32 -14.50 -7.41
N ARG C 47 29.52 -15.33 -6.38
CA ARG C 47 30.14 -16.64 -6.50
C ARG C 47 29.25 -17.67 -5.83
N GLN C 48 29.21 -18.88 -6.40
CA GLN C 48 28.46 -20.00 -5.82
C GLN C 48 29.34 -20.87 -4.92
N GLY C 49 30.02 -20.24 -3.97
CA GLY C 49 30.90 -20.96 -3.07
C GLY C 49 32.29 -21.13 -3.63
N GLY C 50 32.94 -20.02 -3.95
CA GLY C 50 34.27 -20.04 -4.55
C GLY C 50 34.29 -20.02 -6.05
N ASP C 51 33.48 -20.87 -6.69
CA ASP C 51 33.38 -20.86 -8.14
C ASP C 51 32.56 -19.67 -8.61
N VAL C 52 33.04 -19.04 -9.67
CA VAL C 52 32.30 -17.92 -10.27
C VAL C 52 31.11 -18.48 -11.04
N LEU C 53 30.06 -17.66 -11.17
CA LEU C 53 28.83 -18.08 -11.86
C LEU C 53 29.11 -18.19 -13.36
N GLN C 54 29.25 -19.43 -13.83
CA GLN C 54 29.76 -19.76 -15.16
C GLN C 54 28.84 -20.79 -15.81
N ASN C 55 28.95 -20.92 -17.14
CA ASN C 55 27.98 -21.66 -17.94
C ASN C 55 28.66 -22.83 -18.66
N GLU C 56 27.91 -23.44 -19.60
CA GLU C 56 28.32 -24.70 -20.22
C GLU C 56 29.52 -24.53 -21.16
N GLU C 57 29.60 -23.39 -21.86
CA GLU C 57 30.67 -23.20 -22.84
C GLU C 57 32.02 -22.92 -22.19
N GLY C 58 32.05 -22.47 -20.95
CA GLY C 58 33.31 -22.32 -20.24
C GLY C 58 33.59 -20.93 -19.71
N GLU C 59 33.01 -19.90 -20.34
CA GLU C 59 33.23 -18.54 -19.91
C GLU C 59 32.43 -18.23 -18.64
N THR C 60 32.73 -17.09 -18.04
CA THR C 60 31.99 -16.64 -16.88
C THR C 60 30.93 -15.63 -17.30
N THR C 61 29.85 -15.60 -16.52
CA THR C 61 28.72 -14.71 -16.79
C THR C 61 28.20 -14.08 -15.51
N SER C 62 29.05 -13.93 -14.50
CA SER C 62 28.66 -13.30 -13.25
C SER C 62 28.47 -11.79 -13.41
N HIS C 63 29.29 -11.16 -14.26
CA HIS C 63 29.15 -9.74 -14.51
C HIS C 63 27.88 -9.44 -15.30
N LEU C 64 27.50 -10.36 -16.19
CA LEU C 64 26.30 -10.22 -17.00
C LEU C 64 25.06 -10.32 -16.13
N MET C 65 25.05 -11.33 -15.25
CA MET C 65 24.05 -11.54 -14.19
C MET C 65 23.90 -10.31 -13.31
N GLY C 66 25.01 -9.83 -12.77
CA GLY C 66 24.98 -8.73 -11.81
C GLY C 66 24.55 -7.41 -12.40
N MET C 67 25.02 -7.11 -13.62
CA MET C 67 24.68 -5.81 -14.17
C MET C 67 23.36 -5.82 -14.95
N PHE C 68 22.87 -7.00 -15.36
CA PHE C 68 21.47 -7.11 -15.77
C PHE C 68 20.54 -6.81 -14.59
N TYR C 69 20.82 -7.40 -13.43
CA TYR C 69 19.89 -7.27 -12.30
C TYR C 69 20.01 -5.89 -11.65
N ARG C 70 21.24 -5.37 -11.54
CA ARG C 70 21.49 -4.03 -11.03
C ARG C 70 20.95 -2.95 -11.98
N THR C 71 21.04 -3.15 -13.30
CA THR C 71 20.52 -2.13 -14.20
C THR C 71 19.00 -2.14 -14.25
N ILE C 72 18.36 -3.32 -14.06
CA ILE C 72 16.90 -3.35 -14.01
C ILE C 72 16.36 -2.66 -12.76
N ARG C 73 16.99 -2.88 -11.59
CA ARG C 73 16.56 -2.08 -10.44
C ARG C 73 17.23 -0.69 -10.41
N MET C 74 18.13 -0.40 -11.35
CA MET C 74 18.51 0.99 -11.55
C MET C 74 17.41 1.77 -12.27
N MET C 75 16.80 1.18 -13.29
CA MET C 75 15.61 1.81 -13.87
C MET C 75 14.38 1.72 -12.97
N GLU C 76 14.31 0.74 -12.07
CA GLU C 76 13.15 0.66 -11.19
C GLU C 76 13.16 1.75 -10.12
N ASN C 77 14.33 2.29 -9.77
CA ASN C 77 14.41 3.53 -9.03
C ASN C 77 14.39 4.75 -9.95
N GLY C 78 14.46 4.55 -11.27
CA GLY C 78 14.37 5.64 -12.23
C GLY C 78 15.69 6.26 -12.63
N ILE C 79 16.82 5.75 -12.13
CA ILE C 79 18.12 6.26 -12.54
C ILE C 79 18.44 5.73 -13.93
N LYS C 80 18.80 6.65 -14.84
CA LYS C 80 19.15 6.27 -16.20
C LYS C 80 20.66 6.22 -16.33
N PRO C 81 21.27 5.04 -16.47
CA PRO C 81 22.72 4.95 -16.45
C PRO C 81 23.36 5.02 -17.83
N VAL C 82 24.57 5.55 -17.85
CA VAL C 82 25.47 5.48 -19.00
C VAL C 82 26.69 4.71 -18.53
N TYR C 83 26.77 3.43 -18.86
CA TYR C 83 27.90 2.62 -18.44
C TYR C 83 29.09 2.93 -19.33
N VAL C 84 30.06 3.66 -18.79
CA VAL C 84 31.23 4.12 -19.53
C VAL C 84 32.35 3.13 -19.31
N PHE C 85 32.94 2.64 -20.41
CA PHE C 85 33.93 1.58 -20.37
C PHE C 85 35.32 2.15 -20.60
N ASP C 86 36.31 1.56 -19.95
CA ASP C 86 37.68 2.05 -20.00
C ASP C 86 38.33 1.74 -21.35
N GLY C 87 39.33 2.55 -21.69
CA GLY C 87 40.09 2.34 -22.90
C GLY C 87 41.53 1.99 -22.61
N LYS C 88 42.46 2.58 -23.36
CA LYS C 88 43.88 2.34 -23.15
C LYS C 88 44.34 3.12 -21.94
N PRO C 89 44.89 2.47 -20.91
CA PRO C 89 45.42 3.22 -19.76
C PRO C 89 46.68 3.97 -20.12
N PRO C 90 46.94 5.11 -19.51
CA PRO C 90 48.09 5.94 -19.90
C PRO C 90 49.40 5.36 -19.40
N GLN C 91 50.50 5.96 -19.87
CA GLN C 91 51.83 5.53 -19.46
C GLN C 91 52.17 5.96 -18.05
N LEU C 92 51.45 6.94 -17.49
CA LEU C 92 51.64 7.31 -16.10
C LEU C 92 50.98 6.32 -15.14
N LYS C 93 49.97 5.58 -15.60
CA LYS C 93 49.32 4.55 -14.80
C LYS C 93 50.10 3.23 -14.80
N SER C 94 51.19 3.15 -15.57
CA SER C 94 51.92 1.90 -15.77
C SER C 94 52.61 1.41 -14.50
N GLY C 95 53.05 2.33 -13.64
CA GLY C 95 53.63 1.93 -12.36
C GLY C 95 52.61 1.33 -11.41
N GLU C 96 51.40 1.92 -11.36
CA GLU C 96 50.34 1.37 -10.51
C GLU C 96 49.78 0.08 -11.07
N LEU C 97 49.76 -0.05 -12.41
CA LEU C 97 49.34 -1.31 -13.02
C LEU C 97 50.39 -2.39 -12.85
N ALA C 98 51.67 -2.02 -12.80
CA ALA C 98 52.73 -2.96 -12.46
C ALA C 98 52.64 -3.40 -11.00
N LYS C 99 52.26 -2.47 -10.11
CA LYS C 99 52.02 -2.83 -8.71
C LYS C 99 50.81 -3.73 -8.55
N ARG C 100 49.76 -3.50 -9.34
CA ARG C 100 48.58 -4.38 -9.34
C ARG C 100 48.91 -5.76 -9.90
N SER C 101 49.77 -5.81 -10.92
CA SER C 101 50.18 -7.10 -11.48
C SER C 101 51.09 -7.85 -10.51
N GLU C 102 51.93 -7.12 -9.76
CA GLU C 102 52.77 -7.75 -8.73
C GLU C 102 51.93 -8.27 -7.57
N ARG C 103 50.89 -7.52 -7.18
CA ARG C 103 49.99 -7.99 -6.14
C ARG C 103 49.13 -9.16 -6.61
N ARG C 104 48.77 -9.19 -7.90
CA ARG C 104 48.08 -10.34 -8.46
C ARG C 104 48.98 -11.56 -8.55
N ALA C 105 50.28 -11.35 -8.79
CA ALA C 105 51.23 -12.46 -8.79
C ALA C 105 51.45 -13.01 -7.38
N GLU C 106 51.50 -12.14 -6.37
CA GLU C 106 51.60 -12.58 -4.98
C GLU C 106 50.31 -13.28 -4.53
N ALA C 107 49.16 -12.82 -5.02
CA ALA C 107 47.90 -13.51 -4.76
C ALA C 107 47.84 -14.86 -5.46
N GLU C 108 48.46 -14.98 -6.64
CA GLU C 108 48.53 -16.26 -7.33
C GLU C 108 49.45 -17.24 -6.60
N LYS C 109 50.57 -16.75 -6.08
CA LYS C 109 51.48 -17.60 -5.29
C LYS C 109 50.85 -18.04 -3.98
N GLN C 110 50.14 -17.14 -3.30
CA GLN C 110 49.41 -17.52 -2.10
C GLN C 110 48.19 -18.39 -2.40
N LEU C 111 47.61 -18.29 -3.60
CA LEU C 111 46.56 -19.21 -4.01
C LEU C 111 47.12 -20.61 -4.28
N GLN C 112 48.32 -20.68 -4.85
CA GLN C 112 48.95 -21.99 -5.05
C GLN C 112 49.41 -22.60 -3.73
N GLN C 113 49.71 -21.76 -2.74
CA GLN C 113 49.94 -22.27 -1.39
C GLN C 113 48.63 -22.77 -0.76
N ALA C 114 47.55 -21.98 -0.90
CA ALA C 114 46.28 -22.30 -0.25
C ALA C 114 45.53 -23.45 -0.94
N GLN C 115 45.83 -23.73 -2.20
CA GLN C 115 45.24 -24.87 -2.88
C GLN C 115 45.80 -26.18 -2.33
N ALA C 116 47.10 -26.19 -2.00
CA ALA C 116 47.68 -27.35 -1.33
C ALA C 116 47.38 -27.35 0.16
N ALA C 117 47.03 -26.19 0.73
CA ALA C 117 46.64 -26.14 2.14
C ALA C 117 45.26 -26.76 2.37
N GLY C 118 44.30 -26.44 1.51
CA GLY C 118 42.98 -27.05 1.56
C GLY C 118 41.88 -26.22 2.20
N ALA C 119 42.19 -25.02 2.69
CA ALA C 119 41.17 -24.16 3.29
C ALA C 119 40.36 -23.49 2.19
N GLU C 120 39.04 -23.69 2.20
CA GLU C 120 38.17 -23.21 1.12
C GLU C 120 38.00 -21.70 1.15
N GLN C 121 37.93 -21.11 2.35
CA GLN C 121 37.75 -19.67 2.49
C GLN C 121 38.98 -18.90 2.03
N GLU C 122 40.18 -19.45 2.29
CA GLU C 122 41.41 -18.82 1.83
C GLU C 122 41.55 -18.87 0.32
N VAL C 123 41.11 -19.98 -0.29
CA VAL C 123 41.13 -20.11 -1.75
C VAL C 123 40.12 -19.17 -2.40
N GLU C 124 38.92 -19.04 -1.82
CA GLU C 124 37.92 -18.15 -2.41
C GLU C 124 38.28 -16.68 -2.20
N LYS C 125 38.97 -16.35 -1.10
CA LYS C 125 39.44 -14.96 -0.93
C LYS C 125 40.63 -14.65 -1.83
N PHE C 126 41.53 -15.61 -2.03
CA PHE C 126 42.68 -15.37 -2.89
C PHE C 126 42.34 -15.49 -4.37
N THR C 127 41.18 -16.03 -4.72
CA THR C 127 40.69 -15.83 -6.08
C THR C 127 39.74 -14.64 -6.15
N LYS C 128 39.30 -14.11 -5.00
CA LYS C 128 38.61 -12.84 -5.00
C LYS C 128 39.56 -11.65 -5.08
N ARG C 129 40.86 -11.86 -4.86
CA ARG C 129 41.85 -10.84 -5.21
C ARG C 129 42.65 -11.23 -6.45
N LEU C 130 41.99 -11.85 -7.44
CA LEU C 130 42.66 -12.33 -8.64
C LEU C 130 41.97 -11.85 -9.91
N VAL C 131 40.82 -11.18 -9.79
CA VAL C 131 39.91 -10.95 -10.91
C VAL C 131 40.46 -9.86 -11.82
N LYS C 132 40.61 -10.20 -13.12
CA LYS C 132 41.08 -9.29 -14.14
C LYS C 132 40.36 -9.61 -15.44
N VAL C 133 39.81 -8.58 -16.10
CA VAL C 133 39.07 -8.78 -17.32
C VAL C 133 39.99 -8.82 -18.54
N THR C 134 39.39 -9.21 -19.65
CA THR C 134 39.93 -9.24 -20.99
C THR C 134 38.88 -8.51 -21.83
N LYS C 135 39.21 -8.09 -23.06
CA LYS C 135 38.26 -7.40 -23.95
C LYS C 135 37.06 -8.26 -24.35
N GLN C 136 37.15 -9.58 -24.23
CA GLN C 136 36.00 -10.47 -24.42
C GLN C 136 34.92 -10.25 -23.36
N HIS C 137 35.33 -9.99 -22.11
CA HIS C 137 34.38 -9.73 -21.03
C HIS C 137 33.64 -8.42 -21.23
N ASN C 138 34.37 -7.36 -21.57
CA ASN C 138 33.75 -6.08 -21.87
C ASN C 138 32.97 -6.11 -23.18
N ASP C 139 33.33 -6.97 -24.13
CA ASP C 139 32.53 -7.15 -25.33
C ASP C 139 31.20 -7.83 -25.03
N GLU C 140 31.20 -8.82 -24.12
CA GLU C 140 29.97 -9.45 -23.68
C GLU C 140 29.07 -8.47 -22.92
N CYS C 141 29.68 -7.60 -22.10
CA CYS C 141 28.93 -6.58 -21.39
C CYS C 141 28.38 -5.51 -22.33
N LYS C 142 29.15 -5.12 -23.34
CA LYS C 142 28.66 -4.16 -24.30
C LYS C 142 27.60 -4.77 -25.22
N HIS C 143 27.64 -6.09 -25.42
CA HIS C 143 26.53 -6.77 -26.09
C HIS C 143 25.27 -6.78 -25.24
N LEU C 144 25.42 -6.95 -23.92
CA LEU C 144 24.28 -6.82 -22.98
C LEU C 144 23.69 -5.42 -23.01
N LEU C 145 24.55 -4.40 -23.02
CA LEU C 145 24.04 -3.04 -22.99
C LEU C 145 23.54 -2.58 -24.35
N SER C 146 24.02 -3.19 -25.43
CA SER C 146 23.45 -2.93 -26.75
C SER C 146 22.09 -3.58 -26.91
N LEU C 147 21.88 -4.75 -26.29
CA LEU C 147 20.54 -5.33 -26.30
C LEU C 147 19.65 -4.71 -25.24
N MET C 148 20.24 -3.99 -24.28
CA MET C 148 19.48 -3.33 -23.22
C MET C 148 18.71 -2.12 -23.73
N GLY C 149 19.16 -1.50 -24.80
CA GLY C 149 18.66 -0.18 -25.15
C GLY C 149 19.19 0.91 -24.25
N ILE C 150 20.30 0.68 -23.56
CA ILE C 150 20.88 1.59 -22.59
C ILE C 150 22.30 1.92 -23.03
N PRO C 151 22.66 3.20 -23.17
CA PRO C 151 23.86 3.55 -23.93
C PRO C 151 25.17 3.30 -23.21
N TYR C 152 26.07 2.64 -23.92
CA TYR C 152 27.45 2.46 -23.52
C TYR C 152 28.34 3.45 -24.26
N LEU C 153 29.38 3.93 -23.60
CA LEU C 153 30.36 4.81 -24.22
C LEU C 153 31.76 4.30 -23.94
N ASP C 154 32.58 4.22 -24.97
CA ASP C 154 33.96 3.78 -24.84
C ASP C 154 34.83 5.02 -24.61
N ALA C 155 35.43 5.11 -23.42
CA ALA C 155 36.35 6.19 -23.13
C ALA C 155 37.66 5.96 -23.87
N PRO C 156 38.34 7.05 -24.29
CA PRO C 156 39.65 6.89 -24.94
C PRO C 156 40.74 6.44 -23.99
N SER C 157 40.86 7.09 -22.83
CA SER C 157 41.91 6.78 -21.88
C SER C 157 41.39 6.20 -20.58
N GLU C 158 40.53 6.93 -19.87
CA GLU C 158 40.03 6.49 -18.58
C GLU C 158 38.54 6.78 -18.51
N ALA C 159 37.80 5.86 -17.89
CA ALA C 159 36.34 5.97 -17.87
C ALA C 159 35.87 7.04 -16.90
N GLU C 160 36.58 7.22 -15.78
CA GLU C 160 36.18 8.24 -14.81
C GLU C 160 36.47 9.65 -15.30
N ALA C 161 37.47 9.83 -16.16
CA ALA C 161 37.75 11.15 -16.75
C ALA C 161 36.65 11.56 -17.72
N SER C 162 36.22 10.62 -18.56
CA SER C 162 35.08 10.85 -19.45
C SER C 162 33.76 10.96 -18.70
N CYS C 163 33.62 10.26 -17.58
CA CYS C 163 32.46 10.43 -16.69
C CYS C 163 32.41 11.85 -16.14
N ALA C 164 33.57 12.37 -15.71
CA ALA C 164 33.66 13.75 -15.23
C ALA C 164 33.42 14.77 -16.33
N ALA C 165 33.83 14.46 -17.56
CA ALA C 165 33.53 15.35 -18.69
C ALA C 165 32.05 15.37 -19.03
N LEU C 166 31.38 14.21 -18.93
CA LEU C 166 29.93 14.19 -19.13
C LEU C 166 29.16 14.88 -18.00
N VAL C 167 29.70 14.90 -16.78
CA VAL C 167 29.05 15.75 -15.77
C VAL C 167 29.34 17.23 -16.05
N LYS C 168 30.56 17.56 -16.49
CA LYS C 168 30.96 18.96 -16.71
C LYS C 168 30.24 19.59 -17.90
N ALA C 169 29.90 18.81 -18.91
CA ALA C 169 29.11 19.33 -20.03
C ALA C 169 27.62 19.28 -19.77
N GLY C 170 27.19 18.67 -18.66
CA GLY C 170 25.78 18.57 -18.36
C GLY C 170 25.04 17.51 -19.14
N LYS C 171 25.75 16.62 -19.83
CA LYS C 171 25.11 15.54 -20.58
C LYS C 171 24.52 14.50 -19.64
N VAL C 172 25.19 14.23 -18.51
CA VAL C 172 24.63 13.45 -17.44
C VAL C 172 24.57 14.34 -16.20
N TYR C 173 23.76 13.94 -15.23
CA TYR C 173 23.69 14.68 -13.98
C TYR C 173 24.89 14.40 -13.11
N ALA C 174 25.34 13.14 -13.06
CA ALA C 174 26.33 12.75 -12.07
C ALA C 174 27.11 11.54 -12.53
N ALA C 175 28.29 11.35 -11.93
CA ALA C 175 29.14 10.19 -12.16
C ALA C 175 28.97 9.23 -11.01
N ALA C 176 28.68 7.97 -11.30
CA ALA C 176 28.39 6.98 -10.25
C ALA C 176 29.49 5.93 -10.20
N THR C 177 30.40 6.11 -9.25
CA THR C 177 31.46 5.16 -8.93
C THR C 177 31.90 5.44 -7.50
N GLU C 178 32.35 4.40 -6.81
CA GLU C 178 32.93 4.68 -5.50
C GLU C 178 34.42 4.93 -5.58
N ASP C 179 35.00 4.78 -6.77
CA ASP C 179 36.28 5.39 -7.09
C ASP C 179 36.19 6.90 -7.00
N MET C 180 37.21 7.50 -6.40
CA MET C 180 37.17 8.91 -6.01
C MET C 180 37.89 9.81 -7.01
N ASP C 181 38.25 9.30 -8.18
CA ASP C 181 39.00 10.10 -9.14
C ASP C 181 38.13 11.09 -9.92
N CYS C 182 36.80 10.97 -9.84
CA CYS C 182 35.92 11.85 -10.60
C CYS C 182 35.95 13.28 -10.05
N LEU C 183 36.13 13.43 -8.73
CA LEU C 183 36.33 14.76 -8.17
C LEU C 183 37.69 15.34 -8.51
N THR C 184 38.68 14.49 -8.78
CA THR C 184 39.97 15.00 -9.26
C THR C 184 39.87 15.44 -10.72
N PHE C 185 39.19 14.63 -11.54
CA PHE C 185 39.07 14.95 -12.97
C PHE C 185 38.09 16.08 -13.24
N GLY C 186 37.27 16.46 -12.28
CA GLY C 186 36.55 17.71 -12.38
C GLY C 186 35.04 17.64 -12.30
N SER C 187 34.50 16.48 -11.94
CA SER C 187 33.05 16.30 -11.89
C SER C 187 32.47 17.05 -10.71
N PRO C 188 31.42 17.86 -10.91
CA PRO C 188 30.72 18.47 -9.76
C PRO C 188 30.03 17.48 -8.85
N VAL C 189 29.34 16.47 -9.37
CA VAL C 189 28.58 15.54 -8.54
C VAL C 189 29.13 14.13 -8.77
N LEU C 190 29.46 13.45 -7.67
CA LEU C 190 29.94 12.07 -7.70
C LEU C 190 29.04 11.21 -6.81
N MET C 191 28.63 10.05 -7.30
CA MET C 191 27.68 9.16 -6.63
C MET C 191 28.42 7.93 -6.16
N ARG C 192 28.83 7.90 -4.90
CA ARG C 192 29.43 6.69 -4.41
C ARG C 192 28.35 5.68 -4.02
N HIS C 193 28.74 4.40 -4.07
CA HIS C 193 27.99 3.25 -3.52
C HIS C 193 26.62 3.07 -4.15
N LEU C 194 26.52 3.26 -5.47
CA LEU C 194 25.26 3.09 -6.20
C LEU C 194 24.98 1.60 -6.36
N THR C 195 24.30 1.04 -5.37
CA THR C 195 23.91 -0.37 -5.39
C THR C 195 22.39 -0.46 -5.48
N ALA C 196 21.90 -1.03 -6.57
CA ALA C 196 20.46 -1.16 -6.80
C ALA C 196 20.00 -2.49 -6.20
N SER C 197 19.70 -2.47 -4.91
CA SER C 197 19.32 -3.68 -4.20
C SER C 197 18.08 -3.41 -3.37
N GLU C 198 17.28 -4.47 -3.17
CA GLU C 198 16.20 -4.42 -2.19
C GLU C 198 16.76 -4.31 -0.78
N ALA C 199 17.86 -5.01 -0.50
CA ALA C 199 18.60 -4.85 0.75
C ALA C 199 19.38 -3.54 0.68
N LYS C 200 18.71 -2.46 1.08
CA LYS C 200 19.28 -1.11 1.00
C LYS C 200 20.12 -0.77 2.24
N LYS C 201 21.23 -1.52 2.34
CA LYS C 201 22.10 -1.43 3.50
C LYS C 201 22.95 -0.16 3.50
N LEU C 202 23.26 0.37 2.32
CA LEU C 202 24.08 1.57 2.21
C LEU C 202 23.31 2.67 1.50
N PRO C 203 23.30 3.88 2.04
CA PRO C 203 22.74 5.01 1.29
C PRO C 203 23.68 5.46 0.19
N ILE C 204 23.15 6.24 -0.74
CA ILE C 204 23.93 6.69 -1.89
C ILE C 204 24.75 7.90 -1.47
N GLN C 205 26.05 7.69 -1.30
CA GLN C 205 26.96 8.76 -0.88
C GLN C 205 27.20 9.70 -2.04
N GLU C 206 26.58 10.88 -1.99
CA GLU C 206 26.67 11.86 -3.06
C GLU C 206 27.70 12.93 -2.69
N PHE C 207 28.72 13.08 -3.52
CA PHE C 207 29.82 14.01 -3.27
C PHE C 207 29.66 15.22 -4.18
N HIS C 208 29.62 16.41 -3.59
CA HIS C 208 29.52 17.65 -4.33
C HIS C 208 30.88 18.35 -4.35
N LEU C 209 31.38 18.63 -5.55
CA LEU C 209 32.65 19.34 -5.67
C LEU C 209 32.51 20.82 -5.37
N SER C 210 31.32 21.39 -5.60
CA SER C 210 31.10 22.81 -5.36
C SER C 210 31.17 23.15 -3.87
N ARG C 211 30.65 22.26 -3.02
CA ARG C 211 30.78 22.45 -1.58
C ARG C 211 32.19 22.17 -1.09
N ILE C 212 32.96 21.32 -1.79
CA ILE C 212 34.36 21.11 -1.46
C ILE C 212 35.16 22.38 -1.76
N LEU C 213 34.96 22.96 -2.94
CA LEU C 213 35.69 24.15 -3.33
C LEU C 213 35.20 25.40 -2.60
N GLN C 214 33.96 25.41 -2.13
CA GLN C 214 33.50 26.48 -1.25
C GLN C 214 34.07 26.32 0.15
N GLU C 215 34.07 25.09 0.68
CA GLU C 215 34.50 24.87 2.07
C GLU C 215 36.01 24.96 2.22
N LEU C 216 36.77 24.37 1.28
CA LEU C 216 38.22 24.44 1.37
C LEU C 216 38.79 25.71 0.75
N GLY C 217 38.00 26.45 -0.02
CA GLY C 217 38.46 27.68 -0.65
C GLY C 217 39.48 27.51 -1.74
N LEU C 218 39.34 26.48 -2.57
CA LEU C 218 40.30 26.16 -3.61
C LEU C 218 39.63 26.16 -4.98
N ASN C 219 40.45 26.23 -6.02
CA ASN C 219 39.97 25.99 -7.38
C ASN C 219 40.16 24.52 -7.72
N GLN C 220 40.07 24.19 -9.01
CA GLN C 220 40.31 22.82 -9.46
C GLN C 220 41.78 22.43 -9.30
N GLU C 221 42.69 23.37 -9.58
CA GLU C 221 44.13 23.08 -9.62
C GLU C 221 44.69 22.74 -8.24
N GLN C 222 44.24 23.48 -7.22
CA GLN C 222 44.68 23.20 -5.85
C GLN C 222 44.10 21.90 -5.32
N PHE C 223 42.90 21.53 -5.77
CA PHE C 223 42.33 20.24 -5.37
C PHE C 223 43.05 19.07 -6.03
N VAL C 224 43.44 19.23 -7.31
CA VAL C 224 44.27 18.24 -8.00
C VAL C 224 45.63 18.10 -7.33
N ASP C 225 46.25 19.22 -6.93
CA ASP C 225 47.50 19.17 -6.18
C ASP C 225 47.34 18.56 -4.80
N LEU C 226 46.19 18.77 -4.16
CA LEU C 226 45.87 18.14 -2.88
C LEU C 226 45.75 16.62 -3.00
N CYS C 227 45.09 16.15 -4.06
CA CYS C 227 44.94 14.71 -4.28
C CYS C 227 46.25 14.06 -4.69
N ILE C 228 47.10 14.81 -5.42
CA ILE C 228 48.43 14.32 -5.77
C ILE C 228 49.32 14.22 -4.51
N LEU C 229 49.20 15.19 -3.60
CA LEU C 229 49.99 15.17 -2.37
C LEU C 229 49.55 14.06 -1.42
N LEU C 230 48.24 13.85 -1.26
CA LEU C 230 47.83 12.80 -0.34
C LEU C 230 47.71 11.44 -1.02
N GLY C 231 47.99 11.35 -2.32
CA GLY C 231 48.20 10.01 -2.84
C GLY C 231 47.20 9.64 -3.91
N SER C 232 47.71 9.45 -5.12
CA SER C 232 46.91 9.05 -6.26
C SER C 232 47.47 7.76 -6.85
N ASP C 233 46.72 7.19 -7.79
CA ASP C 233 47.15 6.01 -8.51
C ASP C 233 47.85 6.36 -9.81
N TYR C 234 48.27 7.61 -9.97
CA TYR C 234 48.93 8.09 -11.18
C TYR C 234 50.41 8.38 -10.91
N CYS C 235 50.69 9.02 -9.78
CA CYS C 235 52.06 9.33 -9.38
C CYS C 235 52.21 9.09 -7.89
N GLU C 236 53.45 8.93 -7.46
CA GLU C 236 53.73 8.68 -6.05
C GLU C 236 53.55 9.94 -5.23
N SER C 237 53.03 9.78 -4.02
CA SER C 237 52.93 10.88 -3.09
C SER C 237 54.25 11.07 -2.34
N ILE C 238 54.40 12.23 -1.72
CA ILE C 238 55.56 12.50 -0.88
C ILE C 238 55.40 11.74 0.42
N ARG C 239 56.47 11.06 0.84
CA ARG C 239 56.40 10.23 2.04
C ARG C 239 56.40 11.10 3.30
N GLY C 240 55.49 10.81 4.22
CA GLY C 240 55.36 11.52 5.45
C GLY C 240 54.21 12.50 5.49
N ILE C 241 53.63 12.85 4.34
CA ILE C 241 52.50 13.77 4.26
C ILE C 241 51.26 12.97 3.92
N GLY C 242 50.32 12.91 4.85
CA GLY C 242 49.06 12.23 4.64
C GLY C 242 47.99 13.20 4.20
N PRO C 243 46.75 13.00 4.64
CA PRO C 243 45.66 13.90 4.24
C PRO C 243 45.72 15.30 4.86
N LYS C 244 45.88 15.37 6.19
CA LYS C 244 45.69 16.64 6.91
C LYS C 244 46.82 17.62 6.67
N ARG C 245 48.07 17.13 6.61
CA ARG C 245 49.19 18.02 6.33
C ARG C 245 49.21 18.45 4.87
N ALA C 246 48.67 17.63 3.97
CA ALA C 246 48.51 18.07 2.59
C ALA C 246 47.43 19.14 2.46
N VAL C 247 46.36 19.04 3.27
CA VAL C 247 45.33 20.08 3.30
C VAL C 247 45.90 21.39 3.84
N ASP C 248 46.71 21.30 4.91
CA ASP C 248 47.37 22.48 5.48
C ASP C 248 48.40 23.07 4.52
N LEU C 249 49.15 22.22 3.81
CA LEU C 249 50.16 22.68 2.88
C LEU C 249 49.55 23.29 1.62
N ILE C 250 48.39 22.79 1.20
CA ILE C 250 47.66 23.43 0.09
C ILE C 250 47.08 24.77 0.55
N GLN C 251 46.52 24.81 1.76
CA GLN C 251 45.87 26.01 2.27
C GLN C 251 46.85 27.11 2.68
N LYS C 252 48.12 26.80 2.93
CA LYS C 252 49.07 27.85 3.28
C LYS C 252 49.82 28.43 2.08
N HIS C 253 50.01 27.66 1.00
CA HIS C 253 50.43 28.20 -0.29
C HIS C 253 49.91 27.27 -1.37
N LYS C 254 49.46 27.84 -2.49
CA LYS C 254 48.46 27.17 -3.32
C LYS C 254 49.06 26.08 -4.19
N SER C 255 50.00 26.43 -5.06
CA SER C 255 50.47 25.49 -6.07
C SER C 255 51.46 24.48 -5.47
N ILE C 256 51.65 23.39 -6.21
CA ILE C 256 52.58 22.33 -5.79
C ILE C 256 54.03 22.73 -6.07
N GLU C 257 54.25 23.72 -6.94
CA GLU C 257 55.60 24.22 -7.21
C GLU C 257 56.21 24.91 -6.00
N GLU C 258 55.40 25.67 -5.26
CA GLU C 258 55.85 26.23 -3.99
C GLU C 258 56.09 25.17 -2.94
N ILE C 259 55.30 24.09 -2.97
CA ILE C 259 55.44 22.96 -2.04
C ILE C 259 56.75 22.22 -2.28
N VAL C 260 57.13 22.03 -3.54
CA VAL C 260 58.37 21.30 -3.82
C VAL C 260 59.57 22.24 -3.76
N ARG C 261 59.33 23.56 -3.89
CA ARG C 261 60.47 24.48 -3.89
C ARG C 261 60.78 25.05 -2.50
N ARG C 262 59.85 24.95 -1.53
CA ARG C 262 60.10 25.54 -0.23
C ARG C 262 60.29 24.52 0.88
N LEU C 263 59.70 23.33 0.77
CA LEU C 263 59.78 22.34 1.83
C LEU C 263 61.13 21.64 1.75
N ASP C 264 61.79 21.51 2.91
CA ASP C 264 63.15 20.98 3.01
C ASP C 264 63.18 19.46 2.81
N PRO C 265 64.11 18.95 2.01
CA PRO C 265 64.22 17.48 1.86
C PRO C 265 64.79 16.76 3.07
N ASN C 266 65.34 17.49 4.06
CA ASN C 266 65.96 16.86 5.21
C ASN C 266 64.97 16.21 6.18
N LYS C 267 63.69 16.58 6.11
CA LYS C 267 62.67 15.97 6.96
C LYS C 267 61.67 15.14 6.16
N TYR C 268 61.01 15.73 5.16
CA TYR C 268 60.06 15.04 4.30
C TYR C 268 60.60 15.10 2.87
N PRO C 269 61.39 14.11 2.46
CA PRO C 269 62.02 14.19 1.14
C PRO C 269 61.06 13.81 0.02
N VAL C 270 61.22 14.48 -1.12
CA VAL C 270 60.47 14.15 -2.32
C VAL C 270 61.02 12.85 -2.89
N PRO C 271 60.20 11.80 -3.04
CA PRO C 271 60.74 10.51 -3.50
C PRO C 271 60.95 10.50 -5.01
N GLU C 272 62.13 10.05 -5.42
CA GLU C 272 62.59 9.72 -6.79
C GLU C 272 62.79 10.96 -7.68
N ASN C 273 62.48 12.17 -7.18
CA ASN C 273 62.50 13.46 -7.90
C ASN C 273 61.66 13.40 -9.18
N TRP C 274 60.49 12.79 -9.08
CA TRP C 274 59.57 12.66 -10.21
C TRP C 274 58.72 13.91 -10.31
N LEU C 275 58.47 14.35 -11.54
CA LEU C 275 57.70 15.57 -11.75
C LEU C 275 56.20 15.27 -11.63
N HIS C 276 55.53 16.02 -10.76
CA HIS C 276 54.11 15.84 -10.49
C HIS C 276 53.24 16.62 -11.48
N LYS C 277 53.86 17.46 -12.31
CA LYS C 277 53.13 18.34 -13.21
C LYS C 277 52.51 17.58 -14.38
N GLU C 278 53.10 16.45 -14.76
CA GLU C 278 52.51 15.61 -15.79
C GLU C 278 51.23 14.94 -15.30
N ALA C 279 51.21 14.50 -14.03
CA ALA C 279 49.99 13.98 -13.42
C ALA C 279 48.96 15.09 -13.21
N HIS C 280 49.42 16.31 -12.93
CA HIS C 280 48.51 17.46 -12.84
C HIS C 280 47.86 17.77 -14.18
N GLN C 281 48.64 17.84 -15.26
CA GLN C 281 48.08 18.14 -16.57
C GLN C 281 47.30 16.96 -17.15
N LEU C 282 47.55 15.74 -16.67
CA LEU C 282 46.75 14.60 -17.07
C LEU C 282 45.46 14.49 -16.29
N PHE C 283 45.40 15.02 -15.07
CA PHE C 283 44.10 15.14 -14.40
C PHE C 283 43.27 16.29 -14.98
N LEU C 284 43.90 17.42 -15.31
CA LEU C 284 43.14 18.55 -15.85
C LEU C 284 42.71 18.30 -17.30
N GLU C 285 43.65 17.90 -18.16
CA GLU C 285 43.39 17.73 -19.59
C GLU C 285 43.78 16.32 -20.01
N PRO C 286 42.89 15.34 -19.84
CA PRO C 286 43.22 13.97 -20.28
C PRO C 286 42.81 13.70 -21.71
N GLU C 287 43.17 12.52 -22.23
CA GLU C 287 42.60 12.06 -23.48
C GLU C 287 41.16 11.65 -23.22
N VAL C 288 40.23 12.55 -23.43
CA VAL C 288 38.89 12.42 -22.87
C VAL C 288 37.89 12.32 -24.01
N LEU C 289 36.76 11.68 -23.73
CA LEU C 289 35.69 11.53 -24.71
C LEU C 289 35.02 12.87 -24.97
N ASP C 290 34.68 13.11 -26.23
CA ASP C 290 33.96 14.32 -26.59
C ASP C 290 32.51 14.22 -26.13
N PRO C 291 32.04 15.10 -25.25
CA PRO C 291 30.69 14.94 -24.70
C PRO C 291 29.58 15.43 -25.58
N GLU C 292 29.86 16.22 -26.62
CA GLU C 292 28.81 16.67 -27.53
C GLU C 292 28.58 15.71 -28.68
N SER C 293 29.41 14.69 -28.84
CA SER C 293 29.29 13.75 -29.95
C SER C 293 28.66 12.42 -29.54
N VAL C 294 28.07 12.35 -28.35
CA VAL C 294 27.53 11.09 -27.86
C VAL C 294 26.02 11.06 -28.09
N GLU C 295 25.46 9.86 -28.10
CA GLU C 295 24.03 9.64 -28.30
C GLU C 295 23.49 9.00 -27.03
N LEU C 296 23.10 9.84 -26.07
CA LEU C 296 22.57 9.36 -24.79
C LEU C 296 21.06 9.18 -24.93
N LYS C 297 20.69 8.07 -25.58
CA LYS C 297 19.29 7.77 -25.83
C LYS C 297 18.96 6.40 -25.23
N TRP C 298 17.96 6.36 -24.37
CA TRP C 298 17.52 5.13 -23.72
C TRP C 298 16.34 4.58 -24.51
N SER C 299 16.62 3.69 -25.45
CA SER C 299 15.64 3.23 -26.40
C SER C 299 14.84 2.05 -25.82
N GLU C 300 13.93 1.53 -26.63
CA GLU C 300 13.18 0.34 -26.25
C GLU C 300 14.08 -0.89 -26.32
N PRO C 301 14.10 -1.72 -25.28
CA PRO C 301 14.99 -2.89 -25.27
C PRO C 301 14.56 -3.97 -26.24
N ASN C 302 15.55 -4.65 -26.82
CA ASN C 302 15.28 -5.88 -27.53
C ASN C 302 14.95 -6.98 -26.53
N GLU C 303 13.90 -7.74 -26.82
CA GLU C 303 13.49 -8.82 -25.93
C GLU C 303 13.86 -10.19 -26.47
N GLU C 304 13.51 -10.48 -27.73
CA GLU C 304 13.70 -11.81 -28.29
C GLU C 304 15.17 -12.10 -28.56
N GLU C 305 15.92 -11.10 -29.03
CA GLU C 305 17.36 -11.27 -29.22
C GLU C 305 18.09 -11.35 -27.88
N LEU C 306 17.56 -10.68 -26.86
CA LEU C 306 18.13 -10.78 -25.51
C LEU C 306 17.93 -12.16 -24.91
N ILE C 307 16.73 -12.73 -25.09
CA ILE C 307 16.44 -14.10 -24.67
C ILE C 307 17.31 -15.09 -25.44
N LYS C 308 17.47 -14.85 -26.76
CA LYS C 308 18.29 -15.71 -27.61
C LYS C 308 19.76 -15.69 -27.22
N PHE C 309 20.30 -14.51 -26.88
CA PHE C 309 21.66 -14.36 -26.40
C PHE C 309 21.84 -15.08 -25.06
N MET C 310 21.10 -14.63 -24.03
CA MET C 310 21.32 -15.09 -22.66
C MET C 310 20.85 -16.51 -22.40
N CYS C 311 20.09 -17.13 -23.32
CA CYS C 311 19.70 -18.52 -23.16
C CYS C 311 20.04 -19.36 -24.38
N GLY C 312 20.90 -18.88 -25.27
CA GLY C 312 21.40 -19.72 -26.32
C GLY C 312 22.91 -19.85 -26.25
N GLU C 313 23.59 -18.87 -25.63
CA GLU C 313 25.01 -19.04 -25.38
C GLU C 313 25.43 -18.73 -23.96
N LYS C 314 24.51 -18.32 -23.08
CA LYS C 314 24.81 -18.17 -21.67
C LYS C 314 23.92 -19.00 -20.77
N GLN C 315 22.86 -19.62 -21.31
CA GLN C 315 21.89 -20.56 -20.71
C GLN C 315 21.38 -20.13 -19.32
N PHE C 316 20.70 -19.00 -19.31
CA PHE C 316 20.11 -18.47 -18.09
C PHE C 316 18.71 -19.08 -17.91
N SER C 317 17.96 -18.54 -16.96
CA SER C 317 16.58 -18.95 -16.73
C SER C 317 15.64 -17.92 -17.33
N GLU C 318 14.54 -18.40 -17.93
CA GLU C 318 13.69 -17.57 -18.78
C GLU C 318 12.87 -16.53 -18.01
N GLU C 319 12.26 -16.93 -16.89
CA GLU C 319 11.25 -16.11 -16.25
C GLU C 319 11.84 -14.90 -15.52
N ARG C 320 13.10 -15.00 -15.08
CA ARG C 320 13.73 -13.86 -14.41
C ARG C 320 14.12 -12.78 -15.41
N ILE C 321 14.61 -13.18 -16.59
CA ILE C 321 14.87 -12.22 -17.67
C ILE C 321 13.57 -11.63 -18.20
N ARG C 322 12.50 -12.43 -18.25
CA ARG C 322 11.21 -11.91 -18.72
C ARG C 322 10.60 -10.91 -17.73
N SER C 323 10.76 -11.17 -16.43
CA SER C 323 10.35 -10.20 -15.41
C SER C 323 11.23 -8.95 -15.44
N GLY C 324 12.52 -9.12 -15.75
CA GLY C 324 13.41 -7.97 -15.88
C GLY C 324 13.08 -7.08 -17.07
N VAL C 325 12.79 -7.68 -18.23
CA VAL C 325 12.42 -6.91 -19.40
C VAL C 325 11.01 -6.30 -19.24
N LYS C 326 10.12 -6.96 -18.49
CA LYS C 326 8.82 -6.35 -18.18
C LYS C 326 8.96 -5.16 -17.23
N ARG C 327 9.86 -5.26 -16.24
CA ARG C 327 10.15 -4.13 -15.36
C ARG C 327 10.86 -3.01 -16.12
N LEU C 328 11.70 -3.37 -17.11
CA LEU C 328 12.33 -2.39 -17.99
C LEU C 328 11.30 -1.67 -18.84
N SER C 329 10.29 -2.39 -19.34
CA SER C 329 9.25 -1.76 -20.15
C SER C 329 8.36 -0.85 -19.30
N LYS C 330 8.06 -1.28 -18.06
CA LYS C 330 7.33 -0.45 -17.11
C LYS C 330 8.10 0.82 -16.76
N SER C 331 9.42 0.70 -16.58
CA SER C 331 10.24 1.87 -16.30
C SER C 331 10.41 2.77 -17.52
N ARG C 332 10.41 2.20 -18.73
CA ARG C 332 10.44 3.04 -19.93
C ARG C 332 9.13 3.79 -20.14
N GLN C 333 8.00 3.19 -19.76
CA GLN C 333 6.76 3.96 -19.76
C GLN C 333 6.75 5.02 -18.68
N GLY C 334 7.36 4.75 -17.53
CA GLY C 334 7.40 5.72 -16.45
C GLY C 334 8.50 6.76 -16.50
N SER C 335 9.47 6.62 -17.41
CA SER C 335 10.66 7.47 -17.40
C SER C 335 10.43 8.84 -18.03
N THR C 336 9.26 9.12 -18.60
CA THR C 336 9.01 10.42 -19.18
C THR C 336 8.65 11.49 -18.14
N GLN C 337 8.47 11.10 -16.88
CA GLN C 337 8.17 12.04 -15.80
C GLN C 337 9.44 12.77 -15.39
N GLY C 338 9.41 14.09 -15.43
CA GLY C 338 10.55 14.87 -15.02
C GLY C 338 10.58 15.11 -13.53
N ARG C 339 11.58 15.87 -13.10
CA ARG C 339 11.72 16.22 -11.69
C ARG C 339 11.19 17.62 -11.43
N LEU C 340 11.09 17.95 -10.14
CA LEU C 340 10.81 19.33 -9.75
C LEU C 340 12.07 20.17 -9.72
N ASP C 341 13.25 19.54 -9.76
CA ASP C 341 14.51 20.27 -9.80
C ASP C 341 14.76 20.89 -11.16
N ASP C 342 14.08 20.42 -12.21
CA ASP C 342 14.19 21.06 -13.51
C ASP C 342 13.41 22.37 -13.55
N PHE C 343 12.37 22.50 -12.72
CA PHE C 343 11.54 23.69 -12.71
C PHE C 343 11.83 24.58 -11.50
N PHE C 344 11.79 24.01 -10.31
CA PHE C 344 12.04 24.75 -9.07
C PHE C 344 13.46 24.48 -8.59
N LYS C 345 14.22 25.54 -8.40
CA LYS C 345 15.60 25.41 -7.94
C LYS C 345 15.65 25.10 -6.45
N VAL C 346 16.66 24.35 -6.05
CA VAL C 346 16.87 24.04 -4.64
C VAL C 346 17.52 25.24 -3.97
N THR C 347 16.85 25.77 -2.95
CA THR C 347 17.35 26.92 -2.20
C THR C 347 17.70 26.55 -0.76
N GLY C 348 18.36 25.43 -0.58
CA GLY C 348 18.84 24.99 0.72
C GLY C 348 18.29 23.64 1.08
N SER C 349 18.69 23.16 2.25
CA SER C 349 18.20 21.89 2.76
C SER C 349 17.94 22.05 4.25
N LEU C 350 16.71 21.77 4.67
CA LEU C 350 16.34 21.91 6.07
C LEU C 350 16.88 20.73 6.85
N SER C 351 17.61 21.03 7.93
CA SER C 351 18.20 20.01 8.79
C SER C 351 17.62 20.15 10.18
N SER C 352 17.18 19.03 10.74
CA SER C 352 16.65 19.03 12.09
C SER C 352 17.76 18.97 13.12
N ALA C 353 17.39 19.18 14.38
CA ALA C 353 18.35 19.14 15.48
C ALA C 353 18.71 17.71 15.85
N MET D 1 -23.66 1.37 -37.10
CA MET D 1 -23.41 2.14 -35.89
C MET D 1 -24.38 1.74 -34.79
N PHE D 2 -23.84 1.49 -33.60
CA PHE D 2 -24.63 1.11 -32.44
C PHE D 2 -24.57 2.22 -31.40
N GLU D 3 -25.73 2.65 -30.91
CA GLU D 3 -25.82 3.69 -29.91
C GLU D 3 -26.98 3.36 -28.99
N ALA D 4 -26.74 3.40 -27.68
CA ALA D 4 -27.75 2.94 -26.72
C ALA D 4 -27.66 3.80 -25.46
N ARG D 5 -28.58 4.76 -25.34
CA ARG D 5 -28.71 5.51 -24.11
C ARG D 5 -29.37 4.66 -23.03
N LEU D 6 -29.01 4.93 -21.78
CA LEU D 6 -29.48 4.12 -20.67
C LEU D 6 -29.42 5.01 -19.43
N VAL D 7 -30.59 5.43 -18.93
CA VAL D 7 -30.62 6.42 -17.86
C VAL D 7 -30.28 5.78 -16.52
N GLN D 8 -30.92 4.65 -16.20
CA GLN D 8 -30.66 3.96 -14.93
C GLN D 8 -29.39 3.11 -15.08
N GLY D 9 -28.25 3.79 -15.09
CA GLY D 9 -26.96 3.17 -15.38
C GLY D 9 -26.43 2.28 -14.28
N SER D 10 -27.01 2.40 -13.08
CA SER D 10 -26.72 1.51 -11.98
C SER D 10 -27.07 0.07 -12.30
N ILE D 11 -28.12 -0.17 -13.09
CA ILE D 11 -28.55 -1.53 -13.45
C ILE D 11 -27.47 -2.25 -14.26
N LEU D 12 -26.91 -1.57 -15.26
CA LEU D 12 -25.83 -2.14 -16.05
C LEU D 12 -24.53 -2.22 -15.25
N LYS D 13 -24.35 -1.32 -14.27
CA LYS D 13 -23.19 -1.38 -13.38
C LYS D 13 -23.20 -2.63 -12.50
N LYS D 14 -24.35 -2.98 -11.89
CA LYS D 14 -24.39 -4.23 -11.14
C LYS D 14 -24.51 -5.46 -12.03
N VAL D 15 -24.92 -5.32 -13.29
CA VAL D 15 -24.77 -6.43 -14.24
C VAL D 15 -23.29 -6.75 -14.46
N LEU D 16 -22.46 -5.73 -14.63
CA LEU D 16 -21.03 -6.00 -14.79
C LEU D 16 -20.34 -6.38 -13.48
N GLU D 17 -20.85 -5.91 -12.34
CA GLU D 17 -20.37 -6.41 -11.05
C GLU D 17 -20.78 -7.86 -10.82
N ALA D 18 -21.91 -8.27 -11.39
CA ALA D 18 -22.35 -9.66 -11.31
C ALA D 18 -21.53 -10.56 -12.21
N LEU D 19 -21.16 -10.08 -13.40
CA LEU D 19 -20.44 -10.90 -14.37
C LEU D 19 -18.93 -10.72 -14.33
N LYS D 20 -18.43 -9.91 -13.40
CA LYS D 20 -16.98 -9.76 -13.26
C LYS D 20 -16.32 -11.03 -12.73
N ASP D 21 -16.94 -11.67 -11.72
CA ASP D 21 -16.33 -12.83 -11.09
C ASP D 21 -16.44 -14.12 -11.91
N LEU D 22 -17.56 -14.31 -12.62
CA LEU D 22 -17.71 -15.50 -13.44
C LEU D 22 -16.92 -15.43 -14.74
N ILE D 23 -17.25 -14.48 -15.60
CA ILE D 23 -16.76 -14.47 -16.97
C ILE D 23 -15.64 -13.45 -17.08
N ASN D 24 -14.51 -13.87 -17.67
CA ASN D 24 -13.47 -12.93 -18.03
C ASN D 24 -13.69 -12.30 -19.41
N GLU D 25 -14.22 -13.09 -20.36
CA GLU D 25 -14.37 -12.63 -21.73
C GLU D 25 -15.58 -13.31 -22.36
N ALA D 26 -16.43 -12.52 -23.00
CA ALA D 26 -17.61 -13.07 -23.67
C ALA D 26 -18.01 -12.14 -24.81
N CYS D 27 -18.86 -12.66 -25.68
CA CYS D 27 -19.31 -11.95 -26.88
C CYS D 27 -20.64 -11.28 -26.59
N TRP D 28 -20.59 -9.96 -26.38
CA TRP D 28 -21.80 -9.17 -26.11
C TRP D 28 -22.60 -9.04 -27.39
N ASP D 29 -23.64 -9.85 -27.51
CA ASP D 29 -24.46 -9.88 -28.71
C ASP D 29 -25.36 -8.64 -28.72
N ILE D 30 -25.38 -7.94 -29.85
CA ILE D 30 -26.20 -6.75 -30.02
C ILE D 30 -27.24 -7.08 -31.08
N SER D 31 -28.51 -6.88 -30.75
CA SER D 31 -29.60 -7.09 -31.69
C SER D 31 -30.45 -5.84 -31.76
N SER D 32 -31.43 -5.85 -32.66
CA SER D 32 -32.39 -4.75 -32.73
C SER D 32 -33.39 -4.81 -31.58
N SER D 33 -33.64 -5.99 -31.03
CA SER D 33 -34.56 -6.17 -29.92
C SER D 33 -33.89 -6.03 -28.56
N GLY D 34 -32.60 -5.71 -28.53
CA GLY D 34 -31.87 -5.50 -27.29
C GLY D 34 -30.51 -6.13 -27.31
N VAL D 35 -29.79 -5.94 -26.21
CA VAL D 35 -28.48 -6.54 -26.01
C VAL D 35 -28.64 -7.89 -25.33
N ASN D 36 -27.94 -8.90 -25.84
CA ASN D 36 -28.03 -10.27 -25.37
C ASN D 36 -26.64 -10.74 -24.97
N LEU D 37 -26.60 -11.68 -24.02
CA LEU D 37 -25.33 -12.30 -23.64
C LEU D 37 -25.64 -13.72 -23.17
N GLN D 38 -25.49 -14.69 -24.08
CA GLN D 38 -25.65 -16.10 -23.75
C GLN D 38 -24.26 -16.67 -23.49
N SER D 39 -23.61 -16.16 -22.45
CA SER D 39 -22.25 -16.51 -22.11
C SER D 39 -22.20 -17.86 -21.40
N MET D 40 -20.98 -18.28 -21.07
CA MET D 40 -20.73 -19.56 -20.45
C MET D 40 -19.45 -19.41 -19.63
N ASP D 41 -19.42 -20.07 -18.47
CA ASP D 41 -18.42 -19.80 -17.43
C ASP D 41 -17.02 -20.24 -17.84
N SER D 42 -16.02 -19.55 -17.27
CA SER D 42 -14.62 -19.89 -17.48
C SER D 42 -14.25 -21.23 -16.84
N SER D 43 -14.95 -21.63 -15.78
CA SER D 43 -14.79 -22.96 -15.22
C SER D 43 -15.57 -24.02 -15.98
N HIS D 44 -16.42 -23.59 -16.93
CA HIS D 44 -17.18 -24.43 -17.87
C HIS D 44 -18.13 -25.40 -17.14
N VAL D 45 -18.93 -24.85 -16.23
CA VAL D 45 -19.88 -25.67 -15.49
C VAL D 45 -21.26 -25.01 -15.51
N SER D 46 -21.31 -23.71 -15.82
CA SER D 46 -22.54 -22.94 -15.69
C SER D 46 -22.71 -22.01 -16.87
N LEU D 47 -23.97 -21.74 -17.22
CA LEU D 47 -24.30 -20.89 -18.36
C LEU D 47 -24.96 -19.61 -17.84
N VAL D 48 -24.65 -18.50 -18.49
CA VAL D 48 -25.19 -17.20 -18.12
C VAL D 48 -25.96 -16.65 -19.31
N GLN D 49 -27.24 -16.36 -19.10
CA GLN D 49 -28.10 -15.80 -20.14
C GLN D 49 -28.54 -14.40 -19.71
N LEU D 50 -27.73 -13.41 -20.05
CA LEU D 50 -28.10 -12.02 -19.81
C LEU D 50 -28.89 -11.50 -21.01
N THR D 51 -30.04 -10.91 -20.74
CA THR D 51 -30.89 -10.35 -21.80
C THR D 51 -31.44 -9.01 -21.29
N LEU D 52 -30.93 -7.92 -21.84
CA LEU D 52 -31.49 -6.59 -21.59
C LEU D 52 -32.11 -6.11 -22.89
N ARG D 53 -33.43 -6.17 -22.97
CA ARG D 53 -34.13 -5.86 -24.22
C ARG D 53 -34.22 -4.35 -24.43
N SER D 54 -34.57 -3.97 -25.66
CA SER D 54 -34.40 -2.60 -26.11
C SER D 54 -35.54 -1.66 -25.74
N GLU D 55 -36.65 -2.16 -25.19
CA GLU D 55 -37.73 -1.24 -24.83
C GLU D 55 -37.42 -0.48 -23.55
N GLY D 56 -36.69 -1.09 -22.62
CA GLY D 56 -36.27 -0.38 -21.43
C GLY D 56 -35.09 0.55 -21.62
N PHE D 57 -34.40 0.43 -22.75
CA PHE D 57 -33.40 1.41 -23.12
C PHE D 57 -34.10 2.70 -23.51
N ASP D 58 -33.52 3.85 -23.14
CA ASP D 58 -34.18 5.12 -23.40
C ASP D 58 -34.08 5.53 -24.86
N THR D 59 -32.93 5.34 -25.49
CA THR D 59 -32.73 5.66 -26.91
C THR D 59 -31.82 4.57 -27.47
N TYR D 60 -32.41 3.61 -28.16
CA TYR D 60 -31.68 2.46 -28.69
C TYR D 60 -31.61 2.54 -30.21
N ARG D 61 -30.39 2.42 -30.74
CA ARG D 61 -30.18 2.41 -32.18
C ARG D 61 -29.22 1.28 -32.51
N CYS D 62 -29.62 0.38 -33.39
CA CYS D 62 -28.80 -0.75 -33.78
C CYS D 62 -29.04 -1.06 -35.24
N ASP D 63 -27.96 -1.09 -36.03
CA ASP D 63 -28.05 -1.37 -37.46
C ASP D 63 -27.67 -2.81 -37.77
N ARG D 64 -26.45 -3.22 -37.41
CA ARG D 64 -25.98 -4.57 -37.67
C ARG D 64 -26.12 -5.43 -36.43
N ASN D 65 -26.36 -6.72 -36.63
CA ASN D 65 -26.42 -7.68 -35.53
C ASN D 65 -25.00 -8.16 -35.24
N LEU D 66 -24.25 -7.30 -34.55
CA LEU D 66 -22.85 -7.55 -34.27
C LEU D 66 -22.68 -8.10 -32.87
N ALA D 67 -21.59 -8.83 -32.67
CA ALA D 67 -21.27 -9.46 -31.38
C ALA D 67 -19.80 -9.17 -31.11
N MET D 68 -19.52 -8.05 -30.45
CA MET D 68 -18.15 -7.70 -30.13
C MET D 68 -17.66 -8.50 -28.93
N GLY D 69 -16.36 -8.76 -28.90
CA GLY D 69 -15.76 -9.46 -27.79
C GLY D 69 -15.37 -8.49 -26.70
N VAL D 70 -15.94 -8.68 -25.51
CA VAL D 70 -15.76 -7.74 -24.40
C VAL D 70 -15.05 -8.46 -23.27
N ASN D 71 -13.92 -7.91 -22.83
CA ASN D 71 -13.33 -8.31 -21.56
C ASN D 71 -14.21 -7.79 -20.44
N LEU D 72 -14.77 -8.71 -19.64
CA LEU D 72 -15.77 -8.33 -18.66
C LEU D 72 -15.13 -7.66 -17.44
N THR D 73 -13.86 -7.96 -17.16
CA THR D 73 -13.15 -7.28 -16.09
C THR D 73 -12.87 -5.82 -16.47
N SER D 74 -12.56 -5.58 -17.74
CA SER D 74 -12.29 -4.23 -18.23
C SER D 74 -13.57 -3.39 -18.23
N MET D 75 -14.69 -3.96 -18.67
CA MET D 75 -15.94 -3.23 -18.66
C MET D 75 -16.51 -3.12 -17.25
N SER D 76 -16.14 -4.05 -16.36
CA SER D 76 -16.47 -3.92 -14.95
C SER D 76 -15.70 -2.78 -14.29
N LYS D 77 -14.42 -2.59 -14.66
CA LYS D 77 -13.67 -1.46 -14.13
C LYS D 77 -14.16 -0.13 -14.71
N ILE D 78 -14.49 -0.11 -15.99
CA ILE D 78 -15.01 1.09 -16.64
C ILE D 78 -16.42 1.43 -16.13
N LEU D 79 -17.21 0.43 -15.74
CA LEU D 79 -18.46 0.73 -15.07
C LEU D 79 -18.31 0.95 -13.57
N LYS D 80 -17.15 0.60 -13.00
CA LYS D 80 -16.81 1.06 -11.66
C LYS D 80 -16.42 2.53 -11.67
N CYS D 81 -15.94 3.04 -12.82
CA CYS D 81 -15.86 4.48 -13.00
C CYS D 81 -17.23 5.15 -13.01
N ALA D 82 -18.25 4.48 -13.53
CA ALA D 82 -19.57 5.09 -13.67
C ALA D 82 -20.29 5.15 -12.34
N GLY D 83 -20.88 6.30 -12.05
CA GLY D 83 -21.62 6.48 -10.82
C GLY D 83 -22.98 5.81 -10.87
N ASN D 84 -23.62 5.76 -9.70
CA ASN D 84 -24.90 5.09 -9.55
C ASN D 84 -26.07 5.86 -10.15
N GLU D 85 -25.91 7.15 -10.42
CA GLU D 85 -26.96 7.95 -11.02
C GLU D 85 -26.57 8.45 -12.41
N ASP D 86 -25.52 7.90 -13.01
CA ASP D 86 -25.00 8.41 -14.27
C ASP D 86 -25.77 7.84 -15.45
N ILE D 87 -26.17 8.71 -16.37
CA ILE D 87 -26.81 8.30 -17.60
C ILE D 87 -25.73 7.72 -18.51
N ILE D 88 -25.85 6.43 -18.83
CA ILE D 88 -24.81 5.74 -19.57
C ILE D 88 -25.23 5.63 -21.03
N THR D 89 -24.37 6.08 -21.94
CA THR D 89 -24.60 5.99 -23.36
C THR D 89 -23.60 5.02 -23.96
N LEU D 90 -24.03 3.79 -24.22
CA LEU D 90 -23.18 2.84 -24.92
C LEU D 90 -23.08 3.21 -26.39
N ARG D 91 -21.87 3.12 -26.93
CA ARG D 91 -21.64 3.45 -28.33
C ARG D 91 -20.70 2.42 -28.94
N ALA D 92 -20.82 2.23 -30.25
CA ALA D 92 -19.93 1.33 -30.98
C ALA D 92 -19.81 1.84 -32.40
N GLU D 93 -18.70 2.48 -32.73
CA GLU D 93 -18.47 2.98 -34.07
C GLU D 93 -18.11 1.84 -35.00
N ASP D 94 -18.63 1.89 -36.22
CA ASP D 94 -18.33 0.86 -37.22
C ASP D 94 -16.90 0.99 -37.72
N ASN D 95 -16.26 -0.17 -37.92
CA ASN D 95 -14.86 -0.33 -38.34
C ASN D 95 -13.89 0.40 -37.40
N ALA D 96 -14.17 0.30 -36.10
CA ALA D 96 -13.31 0.88 -35.08
C ALA D 96 -12.73 -0.14 -34.12
N ASP D 97 -13.45 -1.25 -33.90
CA ASP D 97 -13.15 -2.33 -32.95
C ASP D 97 -12.97 -1.74 -31.54
N THR D 98 -14.03 -1.08 -31.09
CA THR D 98 -14.00 -0.31 -29.84
C THR D 98 -15.43 -0.14 -29.35
N LEU D 99 -15.70 -0.57 -28.12
CA LEU D 99 -16.99 -0.31 -27.48
C LEU D 99 -16.84 0.96 -26.68
N ALA D 100 -17.48 2.04 -27.13
CA ALA D 100 -17.34 3.34 -26.48
C ALA D 100 -18.41 3.50 -25.42
N LEU D 101 -18.00 3.91 -24.22
CA LEU D 101 -18.90 4.08 -23.09
C LEU D 101 -18.88 5.54 -22.68
N VAL D 102 -20.04 6.19 -22.74
CA VAL D 102 -20.17 7.61 -22.40
C VAL D 102 -21.08 7.70 -21.18
N PHE D 103 -20.60 8.33 -20.13
CA PHE D 103 -21.36 8.49 -18.90
C PHE D 103 -21.72 9.96 -18.76
N GLU D 104 -23.02 10.25 -18.64
CA GLU D 104 -23.50 11.60 -18.46
C GLU D 104 -24.00 11.74 -17.02
N ALA D 105 -23.55 12.81 -16.35
CA ALA D 105 -23.99 13.09 -15.01
C ALA D 105 -25.44 13.62 -15.04
N PRO D 106 -26.17 13.50 -13.91
CA PRO D 106 -27.51 14.13 -13.84
C PRO D 106 -27.49 15.64 -13.98
N ASN D 107 -26.45 16.33 -13.50
CA ASN D 107 -26.23 17.69 -13.93
C ASN D 107 -25.42 17.72 -15.22
N GLN D 108 -25.52 18.84 -15.94
CA GLN D 108 -24.88 18.93 -17.26
C GLN D 108 -23.46 19.50 -17.16
N GLU D 109 -22.63 18.88 -16.31
CA GLU D 109 -21.29 19.35 -16.05
C GLU D 109 -20.23 18.32 -16.40
N LYS D 110 -20.39 17.07 -15.96
CA LYS D 110 -19.37 16.05 -16.12
C LYS D 110 -19.80 15.06 -17.20
N VAL D 111 -18.92 14.84 -18.19
CA VAL D 111 -19.12 13.85 -19.23
C VAL D 111 -17.91 12.92 -19.19
N SER D 112 -18.17 11.62 -19.03
CA SER D 112 -17.11 10.62 -18.89
C SER D 112 -17.13 9.70 -20.10
N ASP D 113 -16.29 9.99 -21.08
CA ASP D 113 -16.16 9.13 -22.24
C ASP D 113 -15.05 8.11 -22.04
N TYR D 114 -15.36 6.84 -22.25
CA TYR D 114 -14.36 5.79 -22.21
C TYR D 114 -14.48 4.90 -23.44
N GLU D 115 -13.41 4.15 -23.67
CA GLU D 115 -13.30 3.28 -24.83
C GLU D 115 -12.73 1.95 -24.38
N MET D 116 -12.73 0.98 -25.28
CA MET D 116 -12.14 -0.34 -25.03
C MET D 116 -11.23 -0.75 -26.18
N LYS D 117 -10.36 -1.69 -25.88
CA LYS D 117 -9.60 -2.44 -26.89
C LYS D 117 -10.16 -3.85 -26.87
N LEU D 118 -10.96 -4.19 -27.88
CA LEU D 118 -11.64 -5.47 -27.93
C LEU D 118 -10.70 -6.55 -28.49
N MET D 119 -11.26 -7.74 -28.69
CA MET D 119 -10.51 -8.86 -29.22
C MET D 119 -11.38 -9.68 -30.15
N ASP D 120 -10.72 -10.45 -31.02
CA ASP D 120 -11.41 -11.30 -31.99
C ASP D 120 -11.73 -12.65 -31.34
N LEU D 121 -12.74 -12.62 -30.47
CA LEU D 121 -13.15 -13.80 -29.72
C LEU D 121 -14.54 -14.23 -30.17
N ASP D 122 -14.73 -15.54 -30.27
CA ASP D 122 -16.03 -16.13 -30.59
C ASP D 122 -16.31 -17.28 -29.65
N VAL D 123 -17.60 -17.55 -29.43
CA VAL D 123 -18.03 -18.60 -28.52
C VAL D 123 -19.08 -19.45 -29.23
N GLU D 124 -19.16 -20.72 -28.84
CA GLU D 124 -20.17 -21.63 -29.35
C GLU D 124 -21.38 -21.57 -28.41
N GLN D 125 -22.45 -20.93 -28.88
CA GLN D 125 -23.67 -20.86 -28.09
C GLN D 125 -24.39 -22.20 -28.13
N LEU D 126 -24.92 -22.62 -26.97
CA LEU D 126 -25.62 -23.89 -26.88
C LEU D 126 -27.12 -23.71 -27.09
N GLY D 127 -27.77 -22.96 -26.21
CA GLY D 127 -29.17 -22.66 -26.36
C GLY D 127 -30.07 -23.64 -25.63
N ILE D 128 -30.62 -23.21 -24.49
CA ILE D 128 -31.55 -24.03 -23.72
C ILE D 128 -32.93 -23.38 -23.82
N PRO D 129 -33.92 -24.06 -24.41
CA PRO D 129 -35.26 -23.47 -24.51
C PRO D 129 -35.98 -23.48 -23.17
N GLU D 130 -36.94 -22.57 -23.04
CA GLU D 130 -37.75 -22.47 -21.82
C GLU D 130 -38.97 -23.35 -21.99
N GLN D 131 -38.90 -24.56 -21.47
CA GLN D 131 -40.02 -25.48 -21.48
C GLN D 131 -40.88 -25.26 -20.23
N GLU D 132 -41.86 -26.14 -20.04
CA GLU D 132 -42.73 -26.10 -18.86
C GLU D 132 -41.93 -26.58 -17.65
N TYR D 133 -41.38 -25.64 -16.90
CA TYR D 133 -40.69 -25.94 -15.66
C TYR D 133 -41.66 -26.40 -14.58
N SER D 134 -41.29 -27.47 -13.89
CA SER D 134 -42.15 -28.06 -12.87
C SER D 134 -42.11 -27.25 -11.59
N CYS D 135 -40.93 -27.11 -10.98
CA CYS D 135 -40.78 -26.51 -9.67
C CYS D 135 -40.18 -25.12 -9.82
N VAL D 136 -40.96 -24.10 -9.52
CA VAL D 136 -40.51 -22.72 -9.50
C VAL D 136 -40.77 -22.15 -8.10
N VAL D 137 -39.74 -21.49 -7.54
CA VAL D 137 -39.89 -20.76 -6.29
C VAL D 137 -39.49 -19.33 -6.56
N LYS D 138 -39.98 -18.42 -5.72
CA LYS D 138 -39.69 -16.99 -5.91
C LYS D 138 -39.63 -16.36 -4.53
N MET D 139 -38.43 -16.29 -3.98
CA MET D 139 -38.11 -15.65 -2.72
C MET D 139 -37.43 -14.32 -2.98
N PRO D 140 -37.38 -13.41 -1.99
CA PRO D 140 -36.55 -12.22 -2.14
C PRO D 140 -35.07 -12.56 -2.25
N SER D 141 -34.37 -11.77 -3.08
CA SER D 141 -32.99 -12.08 -3.46
C SER D 141 -32.01 -11.85 -2.32
N GLY D 142 -32.29 -10.88 -1.44
CA GLY D 142 -31.46 -10.71 -0.27
C GLY D 142 -31.53 -11.87 0.71
N GLU D 143 -32.72 -12.50 0.81
CA GLU D 143 -32.88 -13.64 1.68
C GLU D 143 -32.19 -14.89 1.12
N PHE D 144 -32.26 -15.08 -0.20
CA PHE D 144 -31.55 -16.19 -0.85
C PHE D 144 -30.04 -15.94 -0.84
N ALA D 145 -29.64 -14.68 -0.92
CA ALA D 145 -28.23 -14.30 -0.79
C ALA D 145 -27.70 -14.59 0.61
N ARG D 146 -28.53 -14.29 1.62
CA ARG D 146 -28.22 -14.64 2.99
C ARG D 146 -28.15 -16.15 3.18
N ILE D 147 -29.02 -16.90 2.50
CA ILE D 147 -29.05 -18.36 2.58
C ILE D 147 -27.77 -18.97 2.00
N CYS D 148 -27.32 -18.46 0.85
CA CYS D 148 -26.08 -18.97 0.26
C CYS D 148 -24.85 -18.54 1.06
N ARG D 149 -24.86 -17.34 1.64
CA ARG D 149 -23.76 -16.95 2.52
C ARG D 149 -23.78 -17.71 3.84
N ASP D 150 -24.96 -18.18 4.27
CA ASP D 150 -25.05 -19.07 5.41
C ASP D 150 -24.44 -20.43 5.09
N LEU D 151 -24.85 -21.03 3.97
CA LEU D 151 -24.50 -22.41 3.68
C LEU D 151 -23.13 -22.56 3.04
N SER D 152 -22.50 -21.47 2.59
CA SER D 152 -21.18 -21.56 2.00
C SER D 152 -20.10 -21.83 3.03
N HIS D 153 -20.36 -21.52 4.30
CA HIS D 153 -19.37 -21.80 5.34
C HIS D 153 -19.32 -23.29 5.67
N ILE D 154 -20.48 -23.95 5.67
CA ILE D 154 -20.58 -25.35 6.11
C ILE D 154 -19.93 -26.28 5.11
N GLY D 155 -20.20 -26.08 3.82
CA GLY D 155 -19.57 -26.89 2.79
C GLY D 155 -19.81 -26.27 1.43
N ASP D 156 -19.13 -26.84 0.44
CA ASP D 156 -19.33 -26.44 -0.95
C ASP D 156 -20.33 -27.35 -1.66
N ALA D 157 -21.50 -27.53 -1.04
CA ALA D 157 -22.57 -28.35 -1.58
C ALA D 157 -23.87 -27.91 -0.95
N VAL D 158 -24.91 -27.73 -1.77
CA VAL D 158 -26.24 -27.41 -1.30
C VAL D 158 -27.21 -28.44 -1.88
N VAL D 159 -28.12 -28.92 -1.04
CA VAL D 159 -29.17 -29.84 -1.50
C VAL D 159 -30.50 -29.11 -1.43
N ILE D 160 -30.89 -28.46 -2.52
CA ILE D 160 -32.12 -27.68 -2.55
C ILE D 160 -33.28 -28.63 -2.78
N SER D 161 -34.21 -28.68 -1.82
CA SER D 161 -35.36 -29.56 -1.87
C SER D 161 -36.64 -28.73 -1.79
N CYS D 162 -37.73 -29.32 -2.25
CA CYS D 162 -39.03 -28.66 -2.21
C CYS D 162 -40.11 -29.68 -1.87
N ALA D 163 -41.20 -29.17 -1.30
CA ALA D 163 -42.34 -29.99 -0.93
C ALA D 163 -43.59 -29.12 -1.03
N LYS D 164 -44.69 -29.60 -0.44
CA LYS D 164 -45.90 -28.79 -0.37
C LYS D 164 -45.75 -27.65 0.61
N ASP D 165 -44.94 -27.82 1.65
CA ASP D 165 -44.75 -26.81 2.69
C ASP D 165 -43.88 -25.67 2.19
N GLY D 166 -42.63 -25.97 1.82
CA GLY D 166 -41.75 -24.93 1.36
C GLY D 166 -40.42 -25.49 0.90
N VAL D 167 -39.55 -24.59 0.45
CA VAL D 167 -38.23 -24.94 -0.05
C VAL D 167 -37.31 -25.24 1.13
N LYS D 168 -36.47 -26.27 0.98
CA LYS D 168 -35.51 -26.66 2.00
C LYS D 168 -34.10 -26.52 1.41
N PHE D 169 -33.26 -25.74 2.07
CA PHE D 169 -31.88 -25.55 1.64
C PHE D 169 -30.96 -26.40 2.53
N SER D 170 -30.87 -27.68 2.18
CA SER D 170 -30.00 -28.57 2.92
C SER D 170 -28.56 -28.41 2.47
N ALA D 171 -27.63 -28.54 3.42
CA ALA D 171 -26.21 -28.50 3.12
C ALA D 171 -25.49 -29.34 4.16
N SER D 172 -24.29 -29.80 3.80
CA SER D 172 -23.50 -30.63 4.70
C SER D 172 -22.04 -30.47 4.33
N GLY D 173 -21.17 -30.80 5.29
CA GLY D 173 -19.74 -30.68 5.05
C GLY D 173 -18.95 -31.05 6.29
N GLU D 174 -17.71 -30.54 6.34
CA GLU D 174 -16.81 -30.86 7.44
C GLU D 174 -17.18 -30.10 8.70
N LEU D 175 -17.92 -28.99 8.58
CA LEU D 175 -18.26 -28.18 9.74
C LEU D 175 -19.52 -28.66 10.45
N GLY D 176 -20.14 -29.74 9.97
CA GLY D 176 -21.46 -30.15 10.40
C GLY D 176 -22.40 -30.25 9.21
N ASN D 177 -23.68 -29.99 9.47
CA ASN D 177 -24.64 -29.86 8.40
C ASN D 177 -25.67 -28.80 8.76
N GLY D 178 -26.23 -28.17 7.74
CA GLY D 178 -27.17 -27.09 7.94
C GLY D 178 -28.35 -27.16 7.02
N ASN D 179 -29.56 -27.19 7.59
CA ASN D 179 -30.79 -27.22 6.82
C ASN D 179 -31.53 -25.91 7.03
N ILE D 180 -31.76 -25.18 5.95
CA ILE D 180 -32.51 -23.94 6.00
C ILE D 180 -33.87 -24.20 5.37
N LYS D 181 -34.92 -24.11 6.17
CA LYS D 181 -36.27 -24.36 5.72
C LYS D 181 -36.97 -23.02 5.53
N LEU D 182 -37.39 -22.73 4.30
CA LEU D 182 -38.11 -21.51 3.96
C LEU D 182 -39.47 -21.93 3.42
N SER D 183 -40.54 -21.57 4.14
CA SER D 183 -41.88 -22.00 3.78
C SER D 183 -42.56 -20.92 2.94
N GLN D 184 -43.52 -21.32 2.13
CA GLN D 184 -44.30 -20.37 1.33
C GLN D 184 -45.28 -19.64 2.24
N THR D 185 -45.69 -18.45 1.82
CA THR D 185 -46.61 -17.61 2.60
C THR D 185 -47.71 -17.11 1.68
N SER D 186 -48.89 -16.88 2.24
CA SER D 186 -50.03 -16.34 1.49
C SER D 186 -50.13 -14.85 1.81
N ASN D 187 -49.20 -14.08 1.23
CA ASN D 187 -49.11 -12.65 1.47
C ASN D 187 -49.08 -11.93 0.13
N VAL D 188 -50.24 -11.42 -0.30
CA VAL D 188 -50.33 -10.68 -1.56
C VAL D 188 -50.18 -9.18 -1.37
N ASP D 189 -50.14 -8.70 -0.12
CA ASP D 189 -49.93 -7.28 0.14
C ASP D 189 -48.50 -6.86 -0.15
N LYS D 190 -47.55 -7.78 0.07
CA LYS D 190 -46.14 -7.55 -0.22
C LYS D 190 -45.74 -8.52 -1.32
N GLU D 191 -44.98 -8.03 -2.31
CA GLU D 191 -44.58 -8.89 -3.42
C GLU D 191 -43.07 -9.09 -3.47
N GLU D 192 -42.30 -8.07 -3.05
CA GLU D 192 -40.84 -8.11 -3.09
C GLU D 192 -40.23 -8.81 -1.88
N GLU D 193 -41.03 -9.18 -0.89
CA GLU D 193 -40.53 -9.85 0.30
C GLU D 193 -41.26 -11.16 0.60
N ALA D 194 -42.49 -11.32 0.13
CA ALA D 194 -43.22 -12.57 0.32
C ALA D 194 -42.76 -13.60 -0.72
N VAL D 195 -42.98 -14.87 -0.38
CA VAL D 195 -42.53 -16.00 -1.19
C VAL D 195 -43.75 -16.76 -1.71
N THR D 196 -43.79 -16.99 -3.02
CA THR D 196 -44.74 -17.92 -3.62
C THR D 196 -43.97 -19.10 -4.22
N ILE D 197 -44.55 -20.29 -4.10
CA ILE D 197 -43.91 -21.54 -4.51
C ILE D 197 -44.92 -22.34 -5.32
N GLU D 198 -44.55 -22.69 -6.55
CA GLU D 198 -45.34 -23.60 -7.38
C GLU D 198 -44.53 -24.87 -7.56
N MET D 199 -45.10 -26.01 -7.17
CA MET D 199 -44.39 -27.27 -7.12
C MET D 199 -45.21 -28.33 -7.87
N ASN D 200 -44.50 -29.22 -8.56
CA ASN D 200 -45.14 -30.35 -9.25
C ASN D 200 -44.59 -31.68 -8.78
N GLU D 201 -43.29 -31.78 -8.53
CA GLU D 201 -42.63 -33.00 -8.08
C GLU D 201 -41.74 -32.71 -6.89
N PRO D 202 -41.69 -33.61 -5.90
CA PRO D 202 -40.70 -33.48 -4.82
C PRO D 202 -39.33 -33.91 -5.29
N VAL D 203 -38.43 -32.95 -5.46
CA VAL D 203 -37.15 -33.17 -6.12
C VAL D 203 -36.01 -32.78 -5.17
N GLN D 204 -34.93 -33.57 -5.23
CA GLN D 204 -33.71 -33.32 -4.46
C GLN D 204 -32.55 -33.20 -5.43
N LEU D 205 -31.91 -32.04 -5.46
CA LEU D 205 -30.83 -31.76 -6.39
C LEU D 205 -29.63 -31.22 -5.62
N THR D 206 -28.44 -31.68 -6.00
CA THR D 206 -27.20 -31.31 -5.32
C THR D 206 -26.37 -30.42 -6.22
N PHE D 207 -26.02 -29.22 -5.72
CA PHE D 207 -25.26 -28.25 -6.48
C PHE D 207 -23.92 -27.97 -5.79
N ALA D 208 -23.20 -26.99 -6.32
CA ALA D 208 -21.97 -26.49 -5.73
C ALA D 208 -22.16 -25.03 -5.37
N LEU D 209 -21.69 -24.65 -4.19
CA LEU D 209 -21.98 -23.33 -3.65
C LEU D 209 -20.98 -22.25 -4.04
N ARG D 210 -19.90 -22.60 -4.73
CA ARG D 210 -18.99 -21.56 -5.24
C ARG D 210 -19.64 -20.80 -6.39
N TYR D 211 -20.20 -21.53 -7.36
CA TYR D 211 -20.91 -20.90 -8.47
C TYR D 211 -22.22 -20.29 -8.01
N LEU D 212 -22.84 -20.86 -6.98
CA LEU D 212 -24.02 -20.24 -6.40
C LEU D 212 -23.68 -18.99 -5.61
N ASN D 213 -22.46 -18.89 -5.06
CA ASN D 213 -21.99 -17.62 -4.49
C ASN D 213 -21.74 -16.58 -5.57
N PHE D 214 -21.25 -17.02 -6.73
CA PHE D 214 -21.10 -16.09 -7.84
C PHE D 214 -22.45 -15.63 -8.40
N PHE D 215 -23.49 -16.48 -8.32
CA PHE D 215 -24.82 -16.03 -8.70
C PHE D 215 -25.45 -15.17 -7.60
N THR D 216 -25.07 -15.43 -6.35
CA THR D 216 -25.44 -14.62 -5.19
C THR D 216 -24.90 -13.20 -5.29
N LYS D 217 -23.76 -13.01 -5.96
CA LYS D 217 -23.22 -11.67 -6.19
C LYS D 217 -24.02 -10.81 -7.20
N ALA D 218 -25.19 -11.23 -7.68
CA ALA D 218 -26.03 -10.45 -8.59
C ALA D 218 -27.23 -9.81 -7.89
N THR D 219 -27.50 -10.17 -6.65
CA THR D 219 -28.67 -9.72 -5.86
C THR D 219 -28.93 -8.22 -5.62
N PRO D 220 -27.98 -7.27 -5.76
CA PRO D 220 -28.42 -5.86 -5.76
C PRO D 220 -29.20 -5.41 -7.00
N LEU D 221 -29.28 -6.24 -8.05
CA LEU D 221 -30.06 -5.90 -9.25
C LEU D 221 -31.55 -5.81 -8.95
N SER D 222 -32.08 -6.77 -8.20
CA SER D 222 -33.50 -6.80 -7.88
C SER D 222 -33.70 -7.46 -6.53
N SER D 223 -34.84 -7.19 -5.90
CA SER D 223 -35.26 -7.85 -4.67
C SER D 223 -36.14 -9.05 -4.93
N THR D 224 -35.99 -9.68 -6.10
CA THR D 224 -36.81 -10.81 -6.52
C THR D 224 -35.92 -11.78 -7.28
N VAL D 225 -35.76 -12.98 -6.76
CA VAL D 225 -34.95 -14.00 -7.40
C VAL D 225 -35.85 -15.22 -7.64
N THR D 226 -35.47 -16.04 -8.61
CA THR D 226 -36.32 -17.14 -9.05
C THR D 226 -35.45 -18.37 -9.30
N LEU D 227 -35.70 -19.44 -8.58
CA LEU D 227 -34.95 -20.69 -8.73
C LEU D 227 -35.90 -21.72 -9.33
N SER D 228 -36.00 -21.73 -10.65
CA SER D 228 -36.82 -22.72 -11.34
C SER D 228 -35.99 -23.95 -11.63
N MET D 229 -36.56 -25.12 -11.38
CA MET D 229 -35.81 -26.37 -11.48
C MET D 229 -36.77 -27.53 -11.74
N SER D 230 -36.20 -28.65 -12.14
CA SER D 230 -36.92 -29.92 -12.26
C SER D 230 -35.94 -31.04 -11.96
N ALA D 231 -36.29 -32.27 -12.35
CA ALA D 231 -35.55 -33.45 -11.89
C ALA D 231 -34.19 -33.58 -12.56
N ASP D 232 -34.13 -33.42 -13.88
CA ASP D 232 -32.88 -33.60 -14.60
C ASP D 232 -32.42 -32.37 -15.38
N VAL D 233 -33.30 -31.43 -15.65
CA VAL D 233 -32.91 -30.16 -16.29
C VAL D 233 -32.12 -29.33 -15.29
N PRO D 234 -30.99 -28.73 -15.69
CA PRO D 234 -30.27 -27.80 -14.81
C PRO D 234 -31.10 -26.57 -14.48
N LEU D 235 -30.93 -26.08 -13.25
CA LEU D 235 -31.81 -25.03 -12.75
C LEU D 235 -31.40 -23.68 -13.33
N VAL D 236 -32.28 -22.69 -13.13
CA VAL D 236 -31.92 -21.32 -13.43
C VAL D 236 -31.94 -20.54 -12.11
N VAL D 237 -31.19 -19.45 -12.09
CA VAL D 237 -31.33 -18.45 -11.05
C VAL D 237 -31.72 -17.18 -11.80
N GLU D 238 -33.02 -16.99 -12.00
CA GLU D 238 -33.54 -15.91 -12.82
C GLU D 238 -33.65 -14.66 -11.97
N TYR D 239 -33.13 -13.54 -12.49
CA TYR D 239 -33.08 -12.29 -11.74
C TYR D 239 -34.08 -11.36 -12.41
N LYS D 240 -35.27 -11.26 -11.83
CA LYS D 240 -36.38 -10.55 -12.46
C LYS D 240 -36.15 -9.05 -12.33
N ILE D 241 -35.50 -8.48 -13.33
CA ILE D 241 -35.26 -7.04 -13.45
C ILE D 241 -36.56 -6.51 -14.06
N ALA D 242 -36.76 -5.19 -14.07
CA ALA D 242 -37.91 -4.56 -14.69
C ALA D 242 -37.78 -4.53 -16.22
N ASP D 243 -38.54 -3.63 -16.85
CA ASP D 243 -38.76 -3.51 -18.30
C ASP D 243 -37.53 -3.45 -19.21
N MET D 244 -36.34 -3.20 -18.65
CA MET D 244 -35.10 -3.29 -19.41
C MET D 244 -34.79 -4.72 -19.83
N GLY D 245 -34.99 -5.68 -18.92
CA GLY D 245 -34.74 -7.06 -19.27
C GLY D 245 -34.69 -8.02 -18.09
N HIS D 246 -33.80 -9.00 -18.15
CA HIS D 246 -33.66 -9.98 -17.07
C HIS D 246 -32.22 -10.50 -17.07
N LEU D 247 -31.96 -11.49 -16.22
CA LEU D 247 -30.64 -12.11 -16.14
C LEU D 247 -30.82 -13.53 -15.63
N LYS D 248 -30.51 -14.52 -16.47
CA LYS D 248 -30.64 -15.92 -16.09
C LYS D 248 -29.26 -16.49 -15.74
N TYR D 249 -29.27 -17.51 -14.88
CA TYR D 249 -28.04 -18.15 -14.41
C TYR D 249 -28.28 -19.65 -14.40
N TYR D 250 -27.96 -20.30 -15.52
CA TYR D 250 -28.08 -21.74 -15.59
C TYR D 250 -26.92 -22.39 -14.84
N LEU D 251 -27.16 -23.55 -14.24
CA LEU D 251 -26.13 -24.22 -13.45
C LEU D 251 -26.40 -25.72 -13.44
N ALA D 252 -25.43 -26.51 -13.88
CA ALA D 252 -25.56 -27.95 -13.85
C ALA D 252 -25.46 -28.47 -12.42
N PRO D 253 -26.28 -29.43 -12.02
CA PRO D 253 -26.14 -30.01 -10.67
C PRO D 253 -24.91 -30.91 -10.56
N LYS D 254 -24.47 -31.11 -9.33
CA LYS D 254 -23.34 -31.98 -9.06
C LYS D 254 -23.77 -33.44 -8.99
#